data_1YBU
#
_entry.id   1YBU
#
_cell.length_a   91.067
_cell.length_b   48.923
_cell.length_c   68.198
_cell.angle_alpha   90.00
_cell.angle_beta   90.00
_cell.angle_gamma   90.00
#
_symmetry.space_group_name_H-M   'P 1 2 1'
#
loop_
_entity.id
_entity.type
_entity.pdbx_description
1 polymer lipJ
2 non-polymer 'MANGANESE (II) ION'
3 non-polymer 'DIPHOSPHOMETHYLPHOSPHONIC ACID ADENOSYL ESTER'
4 water water
#
_entity_poly.entity_id   1
_entity_poly.type   'polypeptide(L)'
_entity_poly.pdbx_seq_one_letter_code
;MRGSHHHHHHGSAERMLATIMFTDIVGSTQHAAALGDDRWRDLLDNHDTIVCHEIQRFGGREVNTAGDGFVATFTSPSAA
IACADDIVDAVAALGIEVRIGIHAGEVEVRDASHGTDVAGVAVHIGARVCALAGPSEVLVSSTVRDIVAGSRHRFAERGE
QELKGVPGRWRLCVLMRDDATRTR
;
_entity_poly.pdbx_strand_id   A,B,C,D
#
loop_
_chem_comp.id
_chem_comp.type
_chem_comp.name
_chem_comp.formula
APC non-polymer 'DIPHOSPHOMETHYLPHOSPHONIC ACID ADENOSYL ESTER' 'C11 H18 N5 O12 P3'
MN non-polymer 'MANGANESE (II) ION' 'Mn 2'
#
# COMPACT_ATOMS: atom_id res chain seq x y z
N ALA A 13 -31.01 -14.47 -14.52
CA ALA A 13 -30.15 -13.35 -14.00
C ALA A 13 -30.97 -12.08 -13.79
N GLU A 14 -30.38 -11.12 -13.09
CA GLU A 14 -31.03 -9.83 -12.82
C GLU A 14 -29.98 -8.74 -12.84
N ARG A 15 -30.39 -7.51 -13.10
CA ARG A 15 -29.44 -6.41 -13.07
C ARG A 15 -29.34 -6.05 -11.59
N MET A 16 -28.15 -6.17 -11.01
CA MET A 16 -27.98 -5.85 -9.61
C MET A 16 -26.84 -4.87 -9.37
N LEU A 17 -26.99 -4.03 -8.35
CA LEU A 17 -25.96 -3.07 -8.00
C LEU A 17 -24.93 -3.85 -7.19
N ALA A 18 -23.65 -3.64 -7.49
CA ALA A 18 -22.61 -4.38 -6.76
C ALA A 18 -21.30 -3.66 -6.76
N THR A 19 -20.48 -4.01 -5.79
CA THR A 19 -19.14 -3.44 -5.70
C THR A 19 -18.25 -4.61 -6.06
N ILE A 20 -17.42 -4.38 -7.05
CA ILE A 20 -16.54 -5.44 -7.55
C ILE A 20 -15.09 -5.19 -7.23
N MET A 21 -14.44 -6.20 -6.65
CA MET A 21 -13.01 -6.09 -6.31
C MET A 21 -12.13 -7.05 -7.19
N PHE A 22 -11.03 -6.53 -7.70
CA PHE A 22 -10.09 -7.29 -8.55
C PHE A 22 -8.67 -7.35 -7.93
N THR A 23 -8.10 -8.54 -7.76
CA THR A 23 -6.76 -8.64 -7.17
C THR A 23 -5.71 -9.21 -8.11
N ASP A 24 -4.51 -8.66 -8.06
CA ASP A 24 -3.47 -9.16 -8.92
C ASP A 24 -2.12 -9.08 -8.26
N ILE A 25 -1.40 -10.19 -8.35
CA ILE A 25 -0.08 -10.25 -7.81
C ILE A 25 0.83 -9.41 -8.71
N VAL A 26 1.61 -8.54 -8.12
CA VAL A 26 2.51 -7.66 -8.83
C VAL A 26 3.81 -8.37 -9.28
N GLY A 27 4.15 -8.23 -10.55
CA GLY A 27 5.33 -8.87 -11.11
C GLY A 27 5.25 -10.36 -10.83
N SER A 28 4.03 -10.89 -11.00
CA SER A 28 3.76 -12.30 -10.74
C SER A 28 4.54 -13.12 -11.74
N THR A 29 4.65 -12.61 -12.96
CA THR A 29 5.39 -13.39 -13.93
C THR A 29 6.87 -13.37 -13.60
N GLN A 30 7.48 -12.21 -13.38
CA GLN A 30 8.89 -12.23 -13.00
C GLN A 30 9.06 -13.12 -11.75
N HIS A 31 8.18 -12.95 -10.78
CA HIS A 31 8.26 -13.73 -9.56
C HIS A 31 8.40 -15.22 -9.73
N ALA A 32 7.54 -15.78 -10.56
CA ALA A 32 7.61 -17.21 -10.80
C ALA A 32 8.94 -17.60 -11.46
N ALA A 33 9.46 -16.72 -12.29
CA ALA A 33 10.69 -16.97 -13.00
C ALA A 33 11.91 -16.84 -12.14
N ALA A 34 11.84 -15.95 -11.18
CA ALA A 34 12.99 -15.78 -10.31
C ALA A 34 12.97 -16.78 -9.15
N LEU A 35 11.94 -17.61 -9.07
CA LEU A 35 11.74 -18.56 -7.95
C LEU A 35 11.85 -20.03 -8.21
N GLY A 36 11.31 -20.40 -9.36
CA GLY A 36 11.22 -21.80 -9.78
C GLY A 36 9.76 -22.18 -9.61
N ASP A 37 9.29 -23.19 -10.33
CA ASP A 37 7.90 -23.61 -10.23
C ASP A 37 7.50 -24.18 -8.88
N ASP A 38 8.41 -24.88 -8.22
CA ASP A 38 8.06 -25.50 -6.95
C ASP A 38 7.71 -24.47 -5.88
N ARG A 39 8.58 -23.48 -5.73
CA ARG A 39 8.34 -22.45 -4.74
C ARG A 39 7.22 -21.55 -5.19
N TRP A 40 7.18 -21.20 -6.47
CA TRP A 40 6.11 -20.35 -6.98
C TRP A 40 4.78 -21.02 -6.65
N ARG A 41 4.67 -22.30 -6.94
CA ARG A 41 3.43 -23.00 -6.65
C ARG A 41 3.04 -22.86 -5.19
N ASP A 42 4.00 -23.08 -4.30
CA ASP A 42 3.67 -22.98 -2.89
C ASP A 42 3.26 -21.58 -2.46
N LEU A 43 3.94 -20.58 -2.98
CA LEU A 43 3.66 -19.21 -2.71
C LEU A 43 2.23 -18.88 -3.18
N LEU A 44 1.83 -19.44 -4.32
CA LEU A 44 0.51 -19.22 -4.87
C LEU A 44 -0.58 -19.78 -3.99
N ASP A 45 -0.38 -20.99 -3.50
CA ASP A 45 -1.41 -21.61 -2.66
C ASP A 45 -1.56 -20.88 -1.35
N ASN A 46 -0.51 -20.18 -0.93
CA ASN A 46 -0.58 -19.45 0.32
C ASN A 46 -1.41 -18.19 0.09
N HIS A 47 -1.08 -17.48 -0.99
CA HIS A 47 -1.77 -16.26 -1.33
C HIS A 47 -3.25 -16.50 -1.51
N ASP A 48 -3.59 -17.51 -2.29
CA ASP A 48 -4.98 -17.84 -2.55
C ASP A 48 -5.74 -18.19 -1.29
N THR A 49 -5.15 -18.95 -0.39
CA THR A 49 -5.87 -19.35 0.80
C THR A 49 -6.11 -18.11 1.71
N ILE A 50 -5.17 -17.17 1.69
CA ILE A 50 -5.19 -15.90 2.42
C ILE A 50 -6.26 -14.99 1.84
N VAL A 51 -6.04 -14.49 0.62
CA VAL A 51 -7.01 -13.63 -0.05
C VAL A 51 -8.43 -14.21 0.02
N CYS A 52 -8.59 -15.47 -0.34
CA CYS A 52 -9.92 -16.07 -0.28
C CYS A 52 -10.49 -15.98 1.12
N HIS A 53 -9.62 -16.05 2.13
CA HIS A 53 -10.02 -15.96 3.53
C HIS A 53 -10.52 -14.55 3.90
N GLU A 54 -9.78 -13.53 3.48
CA GLU A 54 -10.15 -12.17 3.78
C GLU A 54 -11.50 -11.87 3.14
N ILE A 55 -11.63 -12.17 1.85
CA ILE A 55 -12.86 -11.94 1.11
C ILE A 55 -14.05 -12.52 1.85
N GLN A 56 -13.98 -13.80 2.20
CA GLN A 56 -15.08 -14.42 2.91
C GLN A 56 -15.32 -13.75 4.26
N ARG A 57 -14.25 -13.28 4.89
CA ARG A 57 -14.33 -12.62 6.20
C ARG A 57 -15.23 -11.39 6.11
N PHE A 58 -14.91 -10.52 5.16
CA PHE A 58 -15.66 -9.29 4.96
C PHE A 58 -16.92 -9.50 4.12
N GLY A 59 -17.57 -10.63 4.31
CA GLY A 59 -18.80 -10.93 3.59
C GLY A 59 -18.79 -10.88 2.06
N GLY A 60 -17.61 -10.83 1.46
CA GLY A 60 -17.52 -10.81 0.01
C GLY A 60 -17.89 -12.13 -0.64
N ARG A 61 -18.09 -12.09 -1.95
CA ARG A 61 -18.45 -13.29 -2.70
C ARG A 61 -17.54 -13.38 -3.93
N GLU A 62 -16.74 -14.45 -3.99
CA GLU A 62 -15.79 -14.73 -5.09
C GLU A 62 -16.55 -14.95 -6.42
N VAL A 63 -16.26 -14.27 -7.52
CA VAL A 63 -17.10 -14.58 -8.70
C VAL A 63 -16.29 -15.42 -9.68
N ASN A 64 -16.26 -15.21 -10.99
CA ASN A 64 -15.31 -16.14 -11.60
C ASN A 64 -13.92 -15.65 -11.11
N THR A 65 -13.06 -16.51 -10.54
CA THR A 65 -11.75 -16.00 -10.10
C THR A 65 -10.56 -16.47 -10.98
N ALA A 66 -10.20 -15.45 -11.78
CA ALA A 66 -9.23 -15.35 -12.89
C ALA A 66 -7.72 -15.14 -12.75
N GLY A 67 -6.93 -16.17 -13.08
CA GLY A 67 -5.48 -16.06 -13.02
C GLY A 67 -4.88 -15.85 -11.64
N ASP A 68 -3.73 -15.18 -11.58
CA ASP A 68 -3.05 -14.91 -10.30
C ASP A 68 -3.70 -13.75 -9.55
N GLY A 69 -5.00 -13.87 -9.37
CA GLY A 69 -5.75 -12.84 -8.68
C GLY A 69 -7.17 -13.29 -8.46
N PHE A 70 -7.98 -12.43 -7.87
CA PHE A 70 -9.36 -12.75 -7.61
C PHE A 70 -10.31 -11.65 -8.07
N VAL A 71 -11.59 -12.00 -8.06
CA VAL A 71 -12.64 -11.07 -8.42
C VAL A 71 -13.72 -11.43 -7.43
N ALA A 72 -14.29 -10.41 -6.81
CA ALA A 72 -15.34 -10.67 -5.83
C ALA A 72 -16.32 -9.52 -5.78
N THR A 73 -17.54 -9.87 -5.38
CA THR A 73 -18.57 -8.85 -5.26
C THR A 73 -19.03 -8.67 -3.82
N PHE A 74 -19.19 -7.41 -3.45
CA PHE A 74 -19.67 -7.09 -2.10
C PHE A 74 -20.95 -6.28 -2.20
N THR A 75 -21.86 -6.50 -1.28
CA THR A 75 -23.11 -5.76 -1.26
C THR A 75 -22.90 -4.43 -0.55
N SER A 76 -21.71 -4.23 0.00
CA SER A 76 -21.34 -3.01 0.72
C SER A 76 -20.00 -2.45 0.21
N PRO A 77 -20.01 -1.25 -0.37
CA PRO A 77 -18.78 -0.65 -0.89
C PRO A 77 -17.71 -0.51 0.19
N SER A 78 -18.16 -0.21 1.41
CA SER A 78 -17.26 -0.02 2.55
C SER A 78 -16.54 -1.29 2.91
N ALA A 79 -17.30 -2.38 2.97
CA ALA A 79 -16.76 -3.68 3.28
C ALA A 79 -15.66 -4.03 2.25
N ALA A 80 -16.01 -3.93 0.98
CA ALA A 80 -15.07 -4.22 -0.09
C ALA A 80 -13.78 -3.45 0.07
N ILE A 81 -13.90 -2.21 0.56
CA ILE A 81 -12.72 -1.38 0.73
C ILE A 81 -11.91 -1.81 1.94
N ALA A 82 -12.61 -2.28 2.99
CA ALA A 82 -11.94 -2.71 4.20
C ALA A 82 -11.18 -3.99 3.90
N CYS A 83 -11.82 -4.84 3.12
CA CYS A 83 -11.27 -6.12 2.72
C CYS A 83 -9.99 -5.90 1.94
N ALA A 84 -10.05 -5.03 0.94
CA ALA A 84 -8.91 -4.74 0.09
C ALA A 84 -7.72 -4.20 0.85
N ASP A 85 -8.00 -3.39 1.87
CA ASP A 85 -6.96 -2.77 2.68
C ASP A 85 -6.27 -3.82 3.56
N ASP A 86 -7.06 -4.76 4.07
CA ASP A 86 -6.55 -5.83 4.89
C ASP A 86 -5.71 -6.80 4.04
N ILE A 87 -6.21 -7.12 2.84
CA ILE A 87 -5.55 -8.03 1.91
C ILE A 87 -4.16 -7.54 1.54
N VAL A 88 -4.05 -6.26 1.23
CA VAL A 88 -2.77 -5.70 0.89
C VAL A 88 -1.72 -5.94 1.98
N ASP A 89 -2.14 -5.99 3.24
CA ASP A 89 -1.19 -6.22 4.32
C ASP A 89 -0.94 -7.70 4.57
N ALA A 90 -1.99 -8.50 4.49
CA ALA A 90 -1.87 -9.92 4.70
C ALA A 90 -1.00 -10.66 3.66
N VAL A 91 -0.92 -10.14 2.43
CA VAL A 91 -0.10 -10.80 1.41
C VAL A 91 1.32 -10.26 1.41
N ALA A 92 1.51 -9.04 1.89
CA ALA A 92 2.84 -8.45 1.94
C ALA A 92 3.65 -9.28 2.94
N ALA A 93 2.93 -10.06 3.75
CA ALA A 93 3.56 -10.92 4.73
C ALA A 93 4.17 -12.16 4.10
N LEU A 94 3.93 -12.35 2.79
CA LEU A 94 4.48 -13.51 2.06
C LEU A 94 5.65 -13.10 1.21
N GLY A 95 5.96 -11.81 1.18
CA GLY A 95 7.08 -11.36 0.37
C GLY A 95 6.64 -10.85 -0.99
N ILE A 96 5.34 -11.01 -1.29
CA ILE A 96 4.79 -10.56 -2.56
C ILE A 96 3.79 -9.43 -2.30
N GLU A 97 3.66 -8.53 -3.28
CA GLU A 97 2.71 -7.43 -3.18
C GLU A 97 1.57 -7.64 -4.17
N VAL A 98 0.38 -7.20 -3.80
CA VAL A 98 -0.79 -7.32 -4.65
C VAL A 98 -1.24 -5.94 -5.11
N ARG A 99 -1.95 -5.88 -6.23
CA ARG A 99 -2.47 -4.61 -6.72
C ARG A 99 -3.98 -4.85 -6.71
N ILE A 100 -4.76 -3.88 -6.25
CA ILE A 100 -6.20 -4.07 -6.18
C ILE A 100 -7.01 -2.96 -6.85
N GLY A 101 -8.08 -3.38 -7.52
CA GLY A 101 -8.94 -2.44 -8.20
C GLY A 101 -10.38 -2.65 -7.76
N ILE A 102 -11.07 -1.55 -7.48
CA ILE A 102 -12.48 -1.64 -7.07
C ILE A 102 -13.40 -0.74 -7.91
N HIS A 103 -14.61 -1.23 -8.12
CA HIS A 103 -15.60 -0.49 -8.87
C HIS A 103 -16.97 -0.94 -8.46
N ALA A 104 -17.95 -0.08 -8.69
CA ALA A 104 -19.31 -0.38 -8.32
C ALA A 104 -20.23 -0.01 -9.49
N GLY A 105 -21.24 -0.82 -9.72
CA GLY A 105 -22.14 -0.55 -10.81
C GLY A 105 -23.13 -1.68 -10.87
N GLU A 106 -24.16 -1.54 -11.70
CA GLU A 106 -25.14 -2.63 -11.84
C GLU A 106 -24.46 -3.67 -12.75
N VAL A 107 -24.77 -4.94 -12.56
CA VAL A 107 -24.16 -5.99 -13.36
C VAL A 107 -25.14 -7.13 -13.55
N GLU A 108 -24.95 -7.86 -14.65
CA GLU A 108 -25.81 -8.99 -14.94
C GLU A 108 -25.23 -10.13 -14.13
N VAL A 109 -26.06 -10.72 -13.29
CA VAL A 109 -25.60 -11.79 -12.42
C VAL A 109 -25.93 -13.18 -12.93
N ARG A 110 -24.93 -13.82 -13.52
CA ARG A 110 -25.04 -15.18 -14.05
C ARG A 110 -24.89 -16.06 -12.81
N ASP A 111 -25.67 -15.71 -11.80
CA ASP A 111 -25.70 -16.39 -10.51
C ASP A 111 -26.05 -17.86 -10.60
N ALA A 112 -25.53 -18.61 -9.63
CA ALA A 112 -25.77 -20.04 -9.57
C ALA A 112 -25.46 -20.52 -8.15
N SER A 113 -26.07 -21.64 -7.77
CA SER A 113 -25.84 -22.22 -6.45
C SER A 113 -24.44 -22.81 -6.48
N HIS A 114 -23.53 -22.08 -7.12
CA HIS A 114 -22.13 -22.46 -7.28
C HIS A 114 -21.49 -21.45 -8.24
N GLY A 115 -20.22 -21.13 -8.00
CA GLY A 115 -19.51 -20.19 -8.85
C GLY A 115 -20.37 -19.13 -9.54
N THR A 116 -21.34 -18.60 -8.81
CA THR A 116 -22.23 -17.55 -9.33
C THR A 116 -21.38 -16.48 -10.00
N ASP A 117 -21.60 -16.23 -11.29
CA ASP A 117 -20.80 -15.24 -11.98
C ASP A 117 -21.51 -13.93 -12.28
N VAL A 118 -20.73 -12.97 -12.78
CA VAL A 118 -21.25 -11.65 -13.09
C VAL A 118 -20.68 -11.14 -14.40
N ALA A 119 -21.39 -10.21 -15.05
CA ALA A 119 -20.92 -9.66 -16.32
C ALA A 119 -21.54 -8.31 -16.63
N GLY A 120 -20.81 -7.50 -17.38
CA GLY A 120 -21.32 -6.21 -17.78
C GLY A 120 -20.11 -5.34 -17.93
N VAL A 121 -20.26 -4.15 -18.51
CA VAL A 121 -19.12 -3.26 -18.66
C VAL A 121 -18.57 -2.84 -17.28
N ALA A 122 -19.37 -2.98 -16.21
CA ALA A 122 -18.87 -2.60 -14.88
C ALA A 122 -17.71 -3.52 -14.52
N VAL A 123 -17.84 -4.80 -14.89
CA VAL A 123 -16.80 -5.79 -14.64
C VAL A 123 -15.52 -5.38 -15.36
N HIS A 124 -15.66 -4.99 -16.62
CA HIS A 124 -14.48 -4.58 -17.38
C HIS A 124 -13.83 -3.33 -16.84
N ILE A 125 -14.62 -2.47 -16.22
CA ILE A 125 -14.08 -1.23 -15.67
C ILE A 125 -13.28 -1.58 -14.41
N GLY A 126 -13.82 -2.46 -13.58
CA GLY A 126 -13.08 -2.87 -12.40
C GLY A 126 -11.72 -3.46 -12.79
N ALA A 127 -11.74 -4.52 -13.59
CA ALA A 127 -10.51 -5.17 -14.04
C ALA A 127 -9.56 -4.12 -14.57
N ARG A 128 -10.09 -3.15 -15.30
CA ARG A 128 -9.23 -2.13 -15.85
C ARG A 128 -8.60 -1.21 -14.80
N VAL A 129 -9.30 -1.00 -13.69
CA VAL A 129 -8.76 -0.12 -12.65
C VAL A 129 -7.66 -0.90 -11.91
N CYS A 130 -7.89 -2.20 -11.70
CA CYS A 130 -6.89 -3.05 -11.07
C CYS A 130 -5.56 -2.97 -11.82
N ALA A 131 -5.62 -3.09 -13.14
CA ALA A 131 -4.43 -3.02 -13.99
C ALA A 131 -3.68 -1.71 -13.84
N LEU A 132 -4.38 -0.66 -13.44
CA LEU A 132 -3.71 0.64 -13.30
C LEU A 132 -3.16 0.85 -11.91
N ALA A 133 -3.56 -0.02 -10.99
CA ALA A 133 -3.13 0.04 -9.60
C ALA A 133 -1.67 -0.36 -9.41
N GLY A 134 -0.96 0.43 -8.58
CA GLY A 134 0.43 0.15 -8.29
C GLY A 134 0.60 -0.94 -7.24
N PRO A 135 1.84 -1.27 -6.90
CA PRO A 135 2.20 -2.29 -5.91
C PRO A 135 1.55 -1.95 -4.56
N SER A 136 0.90 -2.92 -3.94
CA SER A 136 0.27 -2.69 -2.63
C SER A 136 -0.55 -1.42 -2.57
N GLU A 137 -1.20 -1.12 -3.69
CA GLU A 137 -2.03 0.06 -3.78
C GLU A 137 -3.46 -0.36 -4.14
N VAL A 138 -4.43 0.24 -3.44
CA VAL A 138 -5.84 -0.04 -3.66
C VAL A 138 -6.41 1.13 -4.48
N LEU A 139 -6.67 0.89 -5.76
CA LEU A 139 -7.19 1.93 -6.65
C LEU A 139 -8.71 1.74 -6.84
N VAL A 140 -9.44 2.85 -6.91
CA VAL A 140 -10.91 2.81 -7.07
C VAL A 140 -11.44 3.87 -8.03
N SER A 141 -12.58 3.59 -8.65
CA SER A 141 -13.18 4.59 -9.54
C SER A 141 -13.80 5.71 -8.68
N SER A 142 -13.81 6.93 -9.20
CA SER A 142 -14.43 8.05 -8.50
C SER A 142 -15.81 7.57 -8.08
N THR A 143 -16.40 6.72 -8.91
CA THR A 143 -17.70 6.17 -8.57
C THR A 143 -17.66 5.59 -7.17
N VAL A 144 -16.69 4.74 -6.88
CA VAL A 144 -16.58 4.11 -5.55
C VAL A 144 -16.37 5.13 -4.42
N ARG A 145 -15.57 6.14 -4.68
CA ARG A 145 -15.34 7.14 -3.65
C ARG A 145 -16.59 7.96 -3.22
N ASP A 146 -17.40 8.42 -4.19
CA ASP A 146 -18.57 9.30 -3.96
C ASP A 146 -19.69 8.81 -3.08
N ILE A 147 -19.81 7.49 -3.20
CA ILE A 147 -20.76 6.57 -2.65
C ILE A 147 -20.39 5.96 -1.31
N VAL A 148 -19.17 6.20 -0.86
CA VAL A 148 -18.79 5.80 0.50
C VAL A 148 -18.44 7.12 1.22
N ALA A 149 -18.52 8.23 0.48
CA ALA A 149 -18.29 9.54 1.09
C ALA A 149 -19.18 9.58 2.34
N GLY A 150 -18.61 10.04 3.45
CA GLY A 150 -19.35 10.05 4.70
C GLY A 150 -18.84 8.96 5.62
N SER A 151 -17.93 8.12 5.09
CA SER A 151 -17.34 7.02 5.87
C SER A 151 -15.94 7.45 6.32
N ARG A 152 -15.27 6.59 7.08
CA ARG A 152 -13.90 6.86 7.54
C ARG A 152 -12.81 6.82 6.44
N HIS A 153 -13.09 6.15 5.31
CA HIS A 153 -12.09 6.03 4.25
C HIS A 153 -11.84 7.34 3.53
N ARG A 154 -10.57 7.58 3.22
CA ARG A 154 -10.15 8.78 2.50
C ARG A 154 -9.35 8.34 1.24
N PHE A 155 -9.37 9.17 0.22
CA PHE A 155 -8.69 8.86 -1.02
C PHE A 155 -8.01 10.09 -1.60
N ALA A 156 -7.06 9.86 -2.48
CA ALA A 156 -6.33 10.92 -3.18
C ALA A 156 -6.74 10.75 -4.64
N GLU A 157 -6.98 11.86 -5.33
CA GLU A 157 -7.43 11.78 -6.71
C GLU A 157 -6.28 11.82 -7.71
N ARG A 158 -6.19 10.80 -8.56
CA ARG A 158 -5.15 10.72 -9.58
C ARG A 158 -5.43 11.64 -10.77
N GLY A 159 -6.67 11.61 -11.23
CA GLY A 159 -7.04 12.43 -12.37
C GLY A 159 -7.83 11.59 -13.34
N GLU A 160 -7.86 12.00 -14.60
CA GLU A 160 -8.59 11.26 -15.62
C GLU A 160 -7.70 10.28 -16.36
N GLN A 161 -8.02 8.99 -16.22
CA GLN A 161 -7.25 7.93 -16.86
C GLN A 161 -8.10 7.24 -17.94
N GLU A 162 -8.37 7.95 -19.03
CA GLU A 162 -9.16 7.40 -20.14
C GLU A 162 -9.00 5.89 -20.27
N LEU A 163 -10.11 5.15 -20.20
CA LEU A 163 -10.07 3.69 -20.29
C LEU A 163 -10.41 3.10 -21.66
N LYS A 164 -9.67 2.05 -22.02
CA LYS A 164 -9.82 1.31 -23.27
C LYS A 164 -11.12 1.56 -24.03
N GLY A 165 -11.15 2.68 -24.76
CA GLY A 165 -12.32 3.03 -25.54
C GLY A 165 -13.66 2.83 -24.86
N VAL A 166 -13.70 3.01 -23.55
CA VAL A 166 -14.95 2.83 -22.79
C VAL A 166 -15.70 4.15 -22.84
N PRO A 167 -17.02 4.10 -23.11
CA PRO A 167 -17.93 5.30 -23.22
C PRO A 167 -17.67 6.42 -21.98
N GLY A 168 -17.26 7.57 -22.38
CA GLY A 168 -17.05 8.57 -21.31
C GLY A 168 -15.50 8.56 -20.88
N ARG A 169 -15.29 9.19 -19.74
CA ARG A 169 -13.99 9.29 -19.14
C ARG A 169 -14.08 8.92 -17.66
N TRP A 170 -12.95 8.47 -17.10
CA TRP A 170 -12.94 8.09 -15.69
C TRP A 170 -11.76 8.63 -14.90
N ARG A 171 -12.05 9.01 -13.66
CA ARG A 171 -11.05 9.51 -12.74
C ARG A 171 -10.82 8.37 -11.76
N LEU A 172 -9.60 8.23 -11.28
CA LEU A 172 -9.30 7.14 -10.36
C LEU A 172 -8.75 7.71 -9.07
N CYS A 173 -9.08 7.06 -7.98
CA CYS A 173 -8.66 7.50 -6.66
C CYS A 173 -7.94 6.44 -5.84
N VAL A 174 -6.83 6.82 -5.22
CA VAL A 174 -6.05 5.91 -4.39
C VAL A 174 -6.48 5.99 -2.92
N LEU A 175 -6.80 4.84 -2.35
CA LEU A 175 -7.19 4.74 -0.97
C LEU A 175 -5.96 5.05 -0.10
N MET A 176 -6.08 6.04 0.78
CA MET A 176 -4.97 6.35 1.66
C MET A 176 -5.12 5.44 2.86
N ARG A 177 -4.32 4.39 2.90
CA ARG A 177 -4.33 3.42 4.01
C ARG A 177 -3.55 3.94 5.24
N ASP A 178 -3.86 3.30 6.37
CA ASP A 178 -3.29 3.40 7.72
C ASP A 178 -4.39 2.85 8.67
N ALA B 13 -0.07 -35.35 -9.95
CA ALA B 13 0.50 -35.54 -8.58
C ALA B 13 1.82 -34.81 -8.42
N GLU B 14 2.32 -34.22 -9.50
CA GLU B 14 3.58 -33.49 -9.46
C GLU B 14 3.73 -32.64 -10.73
N ARG B 15 4.98 -32.53 -11.19
CA ARG B 15 5.33 -31.78 -12.38
C ARG B 15 4.89 -32.63 -13.56
N MET B 16 4.01 -32.10 -14.41
CA MET B 16 3.55 -32.85 -15.56
C MET B 16 3.69 -32.06 -16.85
N LEU B 17 3.93 -32.79 -17.93
CA LEU B 17 4.07 -32.16 -19.25
C LEU B 17 2.64 -31.90 -19.73
N ALA B 18 2.40 -30.72 -20.26
CA ALA B 18 1.05 -30.43 -20.74
C ALA B 18 1.02 -29.39 -21.82
N THR B 19 -0.06 -29.42 -22.58
CA THR B 19 -0.25 -28.41 -23.63
C THR B 19 -1.37 -27.55 -23.09
N ILE B 20 -1.09 -26.26 -23.01
CA ILE B 20 -2.07 -25.33 -22.44
C ILE B 20 -2.63 -24.38 -23.47
N MET B 21 -3.96 -24.32 -23.49
CA MET B 21 -4.67 -23.45 -24.43
C MET B 21 -5.39 -22.27 -23.72
N PHE B 22 -5.12 -21.07 -24.21
CA PHE B 22 -5.74 -19.86 -23.68
C PHE B 22 -6.59 -19.22 -24.77
N THR B 23 -7.86 -18.95 -24.46
CA THR B 23 -8.77 -18.28 -25.41
C THR B 23 -9.29 -16.96 -24.82
N ASP B 24 -9.58 -15.99 -25.67
CA ASP B 24 -10.10 -14.68 -25.24
C ASP B 24 -10.85 -13.99 -26.35
N ILE B 25 -11.96 -13.37 -26.00
CA ILE B 25 -12.79 -12.67 -26.98
C ILE B 25 -12.14 -11.35 -27.38
N VAL B 26 -12.06 -11.09 -28.67
CA VAL B 26 -11.47 -9.84 -29.16
C VAL B 26 -12.46 -8.68 -28.97
N GLY B 27 -11.94 -7.55 -28.47
CA GLY B 27 -12.74 -6.36 -28.22
C GLY B 27 -14.02 -6.65 -27.46
N SER B 28 -13.96 -7.46 -26.41
CA SER B 28 -15.15 -7.79 -25.64
C SER B 28 -15.69 -6.55 -24.96
N THR B 29 -15.11 -5.40 -25.21
CA THR B 29 -15.56 -4.27 -24.47
C THR B 29 -16.30 -3.31 -25.36
N GLN B 30 -15.99 -3.46 -26.63
CA GLN B 30 -16.60 -2.72 -27.67
C GLN B 30 -17.93 -3.46 -27.93
N HIS B 31 -17.97 -4.76 -27.70
CA HIS B 31 -19.20 -5.53 -27.91
C HIS B 31 -20.24 -5.33 -26.81
N ALA B 32 -19.79 -5.21 -25.57
CA ALA B 32 -20.73 -5.02 -24.49
C ALA B 32 -21.34 -3.62 -24.62
N ALA B 33 -20.51 -2.62 -24.94
CA ALA B 33 -20.97 -1.25 -25.08
C ALA B 33 -22.04 -1.23 -26.14
N ALA B 34 -21.66 -1.72 -27.31
CA ALA B 34 -22.55 -1.76 -28.44
C ALA B 34 -23.79 -2.59 -28.26
N LEU B 35 -23.77 -3.59 -27.39
CA LEU B 35 -24.92 -4.47 -27.19
C LEU B 35 -25.74 -4.10 -25.98
N GLY B 36 -25.05 -3.62 -24.95
CA GLY B 36 -25.73 -3.33 -23.72
C GLY B 36 -25.56 -4.59 -22.87
N ASP B 37 -25.46 -4.44 -21.55
CA ASP B 37 -25.24 -5.58 -20.66
C ASP B 37 -26.14 -6.79 -20.81
N ASP B 38 -27.41 -6.56 -21.12
CA ASP B 38 -28.39 -7.65 -21.28
C ASP B 38 -27.98 -8.64 -22.39
N ARG B 39 -27.79 -8.12 -23.59
CA ARG B 39 -27.42 -8.95 -24.72
C ARG B 39 -25.99 -9.50 -24.56
N TRP B 40 -25.08 -8.67 -24.07
CA TRP B 40 -23.70 -9.09 -23.87
C TRP B 40 -23.65 -10.33 -22.99
N ARG B 41 -24.51 -10.36 -21.97
CA ARG B 41 -24.57 -11.50 -21.08
C ARG B 41 -25.00 -12.79 -21.79
N ASP B 42 -26.00 -12.71 -22.67
CA ASP B 42 -26.51 -13.89 -23.37
C ASP B 42 -25.53 -14.49 -24.33
N LEU B 43 -24.91 -13.58 -25.06
CA LEU B 43 -23.90 -13.91 -26.00
C LEU B 43 -22.81 -14.66 -25.23
N LEU B 44 -22.25 -13.99 -24.22
CA LEU B 44 -21.19 -14.52 -23.36
C LEU B 44 -21.56 -15.96 -22.96
N ASP B 45 -22.84 -16.18 -22.68
CA ASP B 45 -23.33 -17.50 -22.30
C ASP B 45 -23.34 -18.48 -23.48
N ASN B 46 -23.55 -17.95 -24.68
CA ASN B 46 -23.55 -18.82 -25.84
C ASN B 46 -22.09 -19.22 -26.10
N HIS B 47 -21.20 -18.24 -26.15
CA HIS B 47 -19.77 -18.47 -26.35
C HIS B 47 -19.23 -19.56 -25.42
N ASP B 48 -19.50 -19.40 -24.13
CA ASP B 48 -19.08 -20.32 -23.07
C ASP B 48 -19.66 -21.69 -23.33
N THR B 49 -20.92 -21.81 -23.74
CA THR B 49 -21.33 -23.18 -23.94
C THR B 49 -20.53 -23.72 -25.13
N ILE B 50 -20.38 -22.95 -26.21
CA ILE B 50 -19.66 -23.44 -27.37
C ILE B 50 -18.22 -23.89 -27.08
N VAL B 51 -17.37 -22.93 -26.70
CA VAL B 51 -15.99 -23.21 -26.38
C VAL B 51 -15.86 -24.41 -25.44
N CYS B 52 -16.58 -24.36 -24.32
CA CYS B 52 -16.52 -25.45 -23.34
C CYS B 52 -16.84 -26.77 -24.02
N HIS B 53 -17.73 -26.74 -25.01
CA HIS B 53 -18.09 -27.97 -25.70
C HIS B 53 -16.97 -28.49 -26.61
N GLU B 54 -16.33 -27.58 -27.33
CA GLU B 54 -15.24 -27.98 -28.21
C GLU B 54 -14.14 -28.60 -27.37
N ILE B 55 -13.72 -27.88 -26.33
CA ILE B 55 -12.66 -28.36 -25.43
C ILE B 55 -12.94 -29.79 -24.98
N GLN B 56 -14.12 -30.01 -24.42
CA GLN B 56 -14.50 -31.34 -23.97
C GLN B 56 -14.45 -32.36 -25.13
N ARG B 57 -14.89 -31.96 -26.32
CA ARG B 57 -14.89 -32.76 -27.56
C ARG B 57 -13.50 -33.36 -27.80
N PHE B 58 -12.52 -32.47 -27.95
CA PHE B 58 -11.15 -32.81 -28.19
C PHE B 58 -10.39 -33.27 -26.95
N GLY B 59 -11.08 -33.93 -26.03
CA GLY B 59 -10.44 -34.44 -24.83
C GLY B 59 -9.71 -33.46 -23.92
N GLY B 60 -9.90 -32.16 -24.13
CA GLY B 60 -9.25 -31.19 -23.28
C GLY B 60 -9.82 -31.14 -21.87
N ARG B 61 -9.11 -30.45 -20.99
CA ARG B 61 -9.53 -30.31 -19.59
C ARG B 61 -9.43 -28.83 -19.25
N GLU B 62 -10.56 -28.25 -18.88
CA GLU B 62 -10.58 -26.85 -18.53
C GLU B 62 -10.10 -26.67 -17.11
N VAL B 63 -9.22 -25.67 -17.01
CA VAL B 63 -8.60 -25.25 -15.76
C VAL B 63 -9.11 -23.86 -15.79
N ASN B 64 -10.39 -23.83 -16.39
CA ASN B 64 -11.44 -22.96 -16.89
C ASN B 64 -11.47 -21.38 -16.99
N THR B 65 -11.67 -20.38 -16.09
CA THR B 65 -11.70 -19.09 -16.82
C THR B 65 -10.51 -18.13 -16.90
N ALA B 66 -10.39 -17.51 -18.09
CA ALA B 66 -9.36 -16.51 -18.46
C ALA B 66 -10.19 -15.25 -18.68
N GLY B 67 -11.07 -15.06 -17.69
CA GLY B 67 -12.03 -13.98 -17.62
C GLY B 67 -13.01 -14.30 -18.73
N ASP B 68 -12.91 -13.48 -19.76
CA ASP B 68 -13.69 -13.59 -20.99
C ASP B 68 -12.91 -14.61 -21.79
N GLY B 69 -12.77 -15.81 -21.27
CA GLY B 69 -12.03 -16.77 -22.02
C GLY B 69 -11.79 -18.00 -21.23
N PHE B 70 -11.08 -18.93 -21.83
CA PHE B 70 -10.81 -20.16 -21.13
C PHE B 70 -9.34 -20.50 -21.09
N VAL B 71 -9.06 -21.52 -20.30
CA VAL B 71 -7.71 -22.05 -20.16
C VAL B 71 -7.98 -23.55 -20.08
N ALA B 72 -7.23 -24.33 -20.84
CA ALA B 72 -7.43 -25.77 -20.80
C ALA B 72 -6.14 -26.52 -21.09
N THR B 73 -6.06 -27.73 -20.56
CA THR B 73 -4.87 -28.53 -20.76
C THR B 73 -5.18 -29.76 -21.58
N PHE B 74 -4.28 -30.08 -22.50
CA PHE B 74 -4.45 -31.25 -23.33
C PHE B 74 -3.28 -32.17 -23.20
N THR B 75 -3.56 -33.46 -23.23
CA THR B 75 -2.50 -34.41 -23.10
C THR B 75 -1.79 -34.63 -24.43
N SER B 76 -2.37 -34.07 -25.49
CA SER B 76 -1.86 -34.14 -26.87
C SER B 76 -1.84 -32.73 -27.50
N PRO B 77 -0.65 -32.29 -27.89
CA PRO B 77 -0.46 -30.96 -28.52
C PRO B 77 -1.27 -30.86 -29.81
N SER B 78 -1.42 -31.98 -30.53
CA SER B 78 -2.18 -32.01 -31.78
C SER B 78 -3.66 -31.75 -31.53
N ALA B 79 -4.20 -32.43 -30.53
CA ALA B 79 -5.58 -32.28 -30.15
C ALA B 79 -5.84 -30.81 -29.81
N ALA B 80 -5.04 -30.26 -28.90
CA ALA B 80 -5.18 -28.87 -28.51
C ALA B 80 -5.22 -27.95 -29.72
N ILE B 81 -4.42 -28.24 -30.73
CA ILE B 81 -4.37 -27.41 -31.92
C ILE B 81 -5.60 -27.59 -32.77
N ALA B 82 -6.12 -28.81 -32.81
CA ALA B 82 -7.31 -29.08 -33.58
C ALA B 82 -8.51 -28.46 -32.85
N CYS B 83 -8.46 -28.43 -31.52
CA CYS B 83 -9.58 -27.86 -30.76
C CYS B 83 -9.62 -26.35 -31.00
N ALA B 84 -8.45 -25.72 -31.00
CA ALA B 84 -8.34 -24.30 -31.18
C ALA B 84 -8.80 -23.74 -32.52
N ASP B 85 -8.64 -24.53 -33.58
CA ASP B 85 -8.99 -24.09 -34.93
C ASP B 85 -10.47 -24.25 -35.17
N ASP B 86 -11.03 -25.28 -34.54
CA ASP B 86 -12.43 -25.55 -34.61
C ASP B 86 -13.14 -24.43 -33.84
N ILE B 87 -12.61 -24.08 -32.65
CA ILE B 87 -13.18 -23.02 -31.82
C ILE B 87 -13.24 -21.69 -32.55
N VAL B 88 -12.15 -21.33 -33.21
CA VAL B 88 -12.10 -20.10 -33.96
C VAL B 88 -13.26 -19.99 -34.95
N ASP B 89 -13.68 -21.12 -35.52
CA ASP B 89 -14.76 -21.09 -36.49
C ASP B 89 -16.13 -21.14 -35.82
N ALA B 90 -16.25 -21.94 -34.78
CA ALA B 90 -17.51 -22.07 -34.09
C ALA B 90 -18.00 -20.78 -33.38
N VAL B 91 -17.08 -19.89 -33.01
CA VAL B 91 -17.46 -18.66 -32.32
C VAL B 91 -17.66 -17.53 -33.32
N ALA B 92 -17.01 -17.64 -34.47
CA ALA B 92 -17.17 -16.60 -35.48
C ALA B 92 -18.63 -16.64 -35.97
N ALA B 93 -19.30 -17.74 -35.62
CA ALA B 93 -20.66 -17.96 -36.02
C ALA B 93 -21.66 -17.24 -35.14
N LEU B 94 -21.13 -16.56 -34.13
CA LEU B 94 -21.87 -15.75 -33.15
C LEU B 94 -21.67 -14.26 -33.42
N GLY B 95 -20.78 -13.92 -34.35
CA GLY B 95 -20.55 -12.51 -34.65
C GLY B 95 -19.33 -11.96 -33.94
N ILE B 96 -18.76 -12.78 -33.05
CA ILE B 96 -17.58 -12.38 -32.30
C ILE B 96 -16.39 -13.26 -32.68
N GLU B 97 -15.20 -12.69 -32.58
CA GLU B 97 -13.98 -13.42 -32.89
C GLU B 97 -13.19 -13.67 -31.60
N VAL B 98 -12.51 -14.81 -31.55
CA VAL B 98 -11.69 -15.16 -30.40
C VAL B 98 -10.22 -15.13 -30.80
N ARG B 99 -9.34 -14.91 -29.83
CA ARG B 99 -7.91 -14.96 -30.11
C ARG B 99 -7.48 -16.14 -29.23
N ILE B 100 -6.56 -16.97 -29.74
CA ILE B 100 -6.12 -18.14 -28.99
C ILE B 100 -4.62 -18.29 -28.88
N GLY B 101 -4.16 -18.70 -27.71
CA GLY B 101 -2.74 -18.87 -27.47
C GLY B 101 -2.46 -20.27 -26.95
N ILE B 102 -1.43 -20.93 -27.49
CA ILE B 102 -1.10 -22.29 -27.02
C ILE B 102 0.37 -22.41 -26.64
N HIS B 103 0.62 -23.24 -25.64
CA HIS B 103 1.97 -23.48 -25.18
C HIS B 103 2.03 -24.84 -24.53
N ALA B 104 3.24 -25.39 -24.46
CA ALA B 104 3.42 -26.69 -23.85
C ALA B 104 4.64 -26.62 -22.94
N GLY B 105 4.56 -27.33 -21.82
CA GLY B 105 5.66 -27.31 -20.88
C GLY B 105 5.22 -28.09 -19.66
N GLU B 106 6.15 -28.31 -18.73
CA GLU B 106 5.81 -29.03 -17.52
C GLU B 106 5.12 -28.00 -16.63
N VAL B 107 4.16 -28.44 -15.83
CA VAL B 107 3.47 -27.52 -14.95
C VAL B 107 3.15 -28.17 -13.61
N GLU B 108 3.09 -27.30 -12.58
CA GLU B 108 2.77 -27.74 -11.23
C GLU B 108 1.28 -27.95 -11.17
N VAL B 109 0.84 -29.16 -10.81
CA VAL B 109 -0.60 -29.50 -10.75
C VAL B 109 -1.12 -29.35 -9.37
N ARG B 110 -2.29 -28.69 -9.15
CA ARG B 110 -2.74 -28.44 -7.74
C ARG B 110 -4.21 -28.38 -7.30
N ASP B 111 -4.48 -27.51 -6.35
CA ASP B 111 -5.83 -27.63 -5.58
C ASP B 111 -6.78 -26.39 -5.63
N ALA B 112 -7.68 -26.32 -4.96
CA ALA B 112 -8.89 -25.64 -4.61
C ALA B 112 -9.87 -25.74 -5.76
N THR B 116 -9.92 -28.50 -10.82
CA THR B 116 -8.52 -28.74 -11.17
C THR B 116 -7.81 -27.45 -11.59
N ASP B 117 -6.56 -27.29 -11.18
CA ASP B 117 -5.80 -26.10 -11.53
C ASP B 117 -4.32 -26.44 -11.75
N VAL B 118 -3.67 -25.59 -12.53
CA VAL B 118 -2.28 -25.76 -12.88
C VAL B 118 -1.54 -24.45 -12.65
N ALA B 119 -0.21 -24.55 -12.50
CA ALA B 119 0.62 -23.36 -12.26
C ALA B 119 2.09 -23.57 -12.65
N GLY B 120 2.73 -22.47 -13.01
CA GLY B 120 4.14 -22.51 -13.35
C GLY B 120 4.36 -21.47 -14.40
N VAL B 121 5.61 -21.14 -14.70
CA VAL B 121 5.88 -20.16 -15.72
C VAL B 121 5.33 -20.56 -17.09
N ALA B 122 5.07 -21.85 -17.31
CA ALA B 122 4.53 -22.29 -18.60
C ALA B 122 3.14 -21.70 -18.79
N VAL B 123 2.38 -21.62 -17.70
CA VAL B 123 1.04 -21.06 -17.74
C VAL B 123 1.13 -19.58 -18.11
N HIS B 124 2.10 -18.87 -17.54
CA HIS B 124 2.26 -17.46 -17.86
C HIS B 124 2.68 -17.23 -19.30
N ILE B 125 3.42 -18.18 -19.86
CA ILE B 125 3.86 -18.06 -21.24
C ILE B 125 2.63 -18.24 -22.15
N GLY B 126 1.80 -19.24 -21.87
CA GLY B 126 0.63 -19.43 -22.67
C GLY B 126 -0.22 -18.15 -22.64
N ALA B 127 -0.69 -17.81 -21.44
CA ALA B 127 -1.52 -16.62 -21.16
C ALA B 127 -1.02 -15.41 -21.91
N ARG B 128 0.22 -15.55 -22.35
CA ARG B 128 0.89 -14.47 -23.05
C ARG B 128 1.09 -14.70 -24.52
N VAL B 129 0.99 -15.93 -25.00
CA VAL B 129 1.09 -15.92 -26.42
C VAL B 129 -0.39 -15.75 -26.87
N CYS B 130 -1.33 -15.73 -25.93
CA CYS B 130 -2.76 -15.50 -26.25
C CYS B 130 -2.98 -13.99 -26.44
N ALA B 131 -2.42 -13.19 -25.54
CA ALA B 131 -2.52 -11.75 -25.63
C ALA B 131 -1.88 -11.19 -26.87
N LEU B 132 -0.96 -11.93 -27.46
CA LEU B 132 -0.30 -11.44 -28.66
C LEU B 132 -1.01 -11.91 -29.94
N ALA B 133 -1.93 -12.84 -29.78
CA ALA B 133 -2.71 -13.40 -30.85
C ALA B 133 -3.75 -12.40 -31.41
N GLY B 134 -3.85 -12.33 -32.73
CA GLY B 134 -4.80 -11.46 -33.38
C GLY B 134 -6.20 -12.06 -33.43
N PRO B 135 -7.19 -11.33 -33.99
CA PRO B 135 -8.56 -11.84 -34.08
C PRO B 135 -8.63 -13.11 -34.92
N SER B 136 -9.38 -14.09 -34.44
CA SER B 136 -9.53 -15.36 -35.14
C SER B 136 -8.17 -15.97 -35.54
N GLU B 137 -7.16 -15.73 -34.72
CA GLU B 137 -5.83 -16.24 -34.97
C GLU B 137 -5.41 -17.18 -33.85
N VAL B 138 -4.77 -18.29 -34.23
CA VAL B 138 -4.28 -19.27 -33.27
C VAL B 138 -2.77 -19.10 -33.21
N LEU B 139 -2.27 -18.50 -32.14
CA LEU B 139 -0.83 -18.28 -31.99
C LEU B 139 -0.23 -19.33 -31.06
N VAL B 140 0.99 -19.79 -31.36
CA VAL B 140 1.68 -20.80 -30.54
C VAL B 140 3.17 -20.57 -30.39
N SER B 141 3.72 -21.07 -29.29
CA SER B 141 5.16 -20.94 -29.06
C SER B 141 5.89 -21.88 -30.06
N SER B 142 7.09 -21.48 -30.47
CA SER B 142 7.89 -22.33 -31.34
C SER B 142 7.91 -23.70 -30.65
N THR B 143 7.79 -23.69 -29.33
CA THR B 143 7.75 -24.92 -28.59
C THR B 143 6.63 -25.84 -29.06
N VAL B 144 5.43 -25.34 -29.35
CA VAL B 144 4.39 -26.29 -29.77
C VAL B 144 4.48 -26.64 -31.25
N ARG B 145 5.10 -25.80 -32.06
CA ARG B 145 5.24 -26.11 -33.48
C ARG B 145 6.20 -27.31 -33.54
N ASP B 146 7.31 -27.15 -32.82
CA ASP B 146 8.34 -28.18 -32.74
C ASP B 146 7.86 -29.56 -32.28
N ILE B 147 6.97 -29.60 -31.29
CA ILE B 147 6.49 -30.89 -30.79
C ILE B 147 5.43 -31.60 -31.69
N VAL B 148 4.90 -30.88 -32.69
CA VAL B 148 3.89 -31.55 -33.53
C VAL B 148 4.48 -31.65 -34.93
N ALA B 149 5.72 -31.20 -35.10
CA ALA B 149 6.36 -31.32 -36.42
C ALA B 149 6.17 -32.81 -36.82
N GLY B 150 5.77 -33.05 -38.05
CA GLY B 150 5.52 -34.41 -38.48
C GLY B 150 4.03 -34.67 -38.61
N SER B 151 3.24 -33.69 -38.17
CA SER B 151 1.78 -33.78 -38.26
C SER B 151 1.30 -32.95 -39.46
N ARG B 152 0.00 -32.98 -39.70
CA ARG B 152 -0.57 -32.19 -40.79
C ARG B 152 -0.58 -30.67 -40.59
N HIS B 153 -0.47 -30.20 -39.34
CA HIS B 153 -0.50 -28.75 -39.07
C HIS B 153 0.73 -28.01 -39.56
N ARG B 154 0.51 -26.83 -40.10
CA ARG B 154 1.57 -25.99 -40.61
C ARG B 154 1.48 -24.62 -39.94
N PHE B 155 2.61 -23.93 -39.81
CA PHE B 155 2.65 -22.65 -39.16
C PHE B 155 3.57 -21.68 -39.88
N ALA B 156 3.35 -20.38 -39.66
CA ALA B 156 4.20 -19.35 -40.22
C ALA B 156 4.90 -18.72 -39.01
N GLU B 157 6.19 -18.42 -39.15
CA GLU B 157 6.96 -17.88 -38.04
C GLU B 157 6.97 -16.36 -37.98
N ARG B 158 6.60 -15.82 -36.83
CA ARG B 158 6.57 -14.37 -36.64
C ARG B 158 7.97 -13.83 -36.35
N GLY B 159 8.72 -14.52 -35.50
CA GLY B 159 10.06 -14.07 -35.16
C GLY B 159 10.26 -13.98 -33.66
N GLU B 160 11.26 -13.22 -33.20
CA GLU B 160 11.54 -13.10 -31.77
C GLU B 160 10.75 -12.00 -31.02
N GLN B 161 9.98 -12.45 -30.04
CA GLN B 161 9.23 -11.55 -29.20
C GLN B 161 9.83 -11.61 -27.83
N GLU B 162 9.69 -10.46 -27.20
CA GLU B 162 10.14 -10.32 -25.86
C GLU B 162 8.86 -10.42 -25.01
N LEU B 163 8.44 -11.66 -24.78
CA LEU B 163 7.27 -11.93 -23.94
C LEU B 163 7.63 -11.32 -22.59
N LYS B 164 6.80 -10.39 -22.16
CA LYS B 164 7.05 -9.68 -20.90
C LYS B 164 7.12 -10.53 -19.65
N GLY B 165 8.06 -10.16 -18.76
CA GLY B 165 8.31 -10.82 -17.48
C GLY B 165 8.96 -12.16 -17.67
N VAL B 166 9.18 -12.49 -18.93
CA VAL B 166 9.76 -13.78 -19.27
C VAL B 166 11.22 -13.71 -19.82
N PRO B 167 12.03 -14.68 -19.39
CA PRO B 167 13.46 -14.91 -19.74
C PRO B 167 13.64 -15.48 -21.08
N GLY B 168 14.46 -14.83 -21.86
CA GLY B 168 14.65 -15.41 -23.15
C GLY B 168 14.39 -14.39 -24.19
N ARG B 169 13.53 -14.84 -25.08
CA ARG B 169 13.07 -14.09 -26.23
C ARG B 169 12.60 -15.26 -27.05
N TRP B 170 11.30 -15.31 -27.20
CA TRP B 170 10.64 -16.36 -27.88
C TRP B 170 10.25 -16.04 -29.28
N ARG B 171 10.09 -17.13 -30.02
CA ARG B 171 9.68 -17.02 -31.38
C ARG B 171 8.28 -17.46 -31.43
N LEU B 172 7.47 -16.65 -32.07
CA LEU B 172 6.10 -17.10 -32.11
C LEU B 172 5.64 -17.53 -33.52
N CYS B 173 4.72 -18.49 -33.58
CA CYS B 173 4.21 -19.05 -34.84
C CYS B 173 2.68 -19.12 -34.99
N VAL B 174 2.20 -18.70 -36.17
CA VAL B 174 0.76 -18.65 -36.51
C VAL B 174 0.32 -19.90 -37.23
N LEU B 175 -0.72 -20.54 -36.73
CA LEU B 175 -1.27 -21.72 -37.35
C LEU B 175 -1.95 -21.32 -38.66
N MET B 176 -1.58 -21.95 -39.77
CA MET B 176 -2.20 -21.63 -41.05
C MET B 176 -3.48 -22.45 -41.20
N ARG B 177 -4.60 -21.74 -41.28
CA ARG B 177 -5.90 -22.38 -41.38
C ARG B 177 -6.48 -22.27 -42.78
N ASP B 178 -7.40 -23.16 -43.10
CA ASP B 178 -8.05 -23.17 -44.40
C ASP B 178 -9.17 -22.12 -44.33
N ALA C 13 10.31 33.78 28.95
CA ALA C 13 11.13 33.78 30.19
C ALA C 13 10.47 32.96 31.30
N GLU C 14 9.25 32.49 31.04
CA GLU C 14 8.54 31.66 32.01
C GLU C 14 7.34 30.97 31.36
N ARG C 15 6.29 30.83 32.13
CA ARG C 15 5.05 30.23 31.68
C ARG C 15 4.36 31.25 30.77
N MET C 16 4.12 30.88 29.51
CA MET C 16 3.46 31.80 28.59
C MET C 16 2.25 31.18 27.91
N LEU C 17 1.27 32.01 27.61
CA LEU C 17 0.06 31.54 26.93
C LEU C 17 0.43 31.46 25.46
N ALA C 18 0.05 30.37 24.82
CA ALA C 18 0.38 30.22 23.41
C ALA C 18 -0.58 29.32 22.66
N THR C 19 -0.61 29.52 21.35
CA THR C 19 -1.44 28.69 20.51
C THR C 19 -0.42 27.84 19.76
N ILE C 20 -0.60 26.53 19.86
CA ILE C 20 0.34 25.60 19.25
C ILE C 20 -0.26 24.84 18.10
N MET C 21 0.45 24.86 16.98
CA MET C 21 0.01 24.16 15.77
C MET C 21 0.92 22.96 15.41
N PHE C 22 0.30 21.81 15.23
CA PHE C 22 0.98 20.58 14.85
C PHE C 22 0.52 20.15 13.46
N THR C 23 1.45 19.93 12.54
CA THR C 23 1.12 19.46 11.20
C THR C 23 1.81 18.11 10.91
N ASP C 24 1.16 17.30 10.10
CA ASP C 24 1.70 15.99 9.77
C ASP C 24 1.15 15.47 8.44
N ILE C 25 2.04 14.92 7.61
CA ILE C 25 1.65 14.38 6.31
C ILE C 25 0.87 13.08 6.45
N VAL C 26 -0.26 12.98 5.75
CA VAL C 26 -1.07 11.77 5.80
C VAL C 26 -0.45 10.65 4.97
N GLY C 27 -0.38 9.44 5.54
CA GLY C 27 0.20 8.29 4.86
C GLY C 27 1.55 8.54 4.25
N SER C 28 2.44 9.19 4.98
CA SER C 28 3.76 9.51 4.45
C SER C 28 4.56 8.23 4.22
N THR C 29 3.95 7.09 4.44
CA THR C 29 4.73 5.89 4.30
C THR C 29 4.33 5.09 3.09
N GLN C 30 3.11 5.42 2.68
CA GLN C 30 2.51 4.85 1.51
C GLN C 30 3.09 5.70 0.37
N HIS C 31 3.39 6.98 0.62
CA HIS C 31 3.96 7.85 -0.42
C HIS C 31 5.43 7.58 -0.71
N ALA C 32 6.20 7.26 0.32
CA ALA C 32 7.62 7.00 0.09
C ALA C 32 7.77 5.66 -0.65
N ALA C 33 6.97 4.66 -0.26
CA ALA C 33 7.01 3.36 -0.89
C ALA C 33 6.72 3.54 -2.36
N ALA C 34 5.58 4.15 -2.61
CA ALA C 34 5.13 4.38 -3.97
C ALA C 34 6.04 5.27 -4.80
N LEU C 35 6.80 6.15 -4.18
CA LEU C 35 7.67 7.08 -4.91
C LEU C 35 9.10 6.61 -4.98
N GLY C 36 9.54 5.96 -3.92
CA GLY C 36 10.92 5.57 -3.84
C GLY C 36 11.61 6.70 -3.08
N ASP C 37 12.64 6.38 -2.30
CA ASP C 37 13.34 7.37 -1.49
C ASP C 37 13.79 8.66 -2.15
N ASP C 38 14.21 8.56 -3.42
CA ASP C 38 14.69 9.72 -4.17
C ASP C 38 13.62 10.81 -4.31
N ARG C 39 12.48 10.44 -4.88
CA ARG C 39 11.39 11.39 -5.07
C ARG C 39 10.76 11.82 -3.74
N TRP C 40 10.61 10.86 -2.81
CA TRP C 40 10.03 11.17 -1.51
C TRP C 40 10.83 12.28 -0.85
N ARG C 41 12.15 12.23 -0.99
CA ARG C 41 13.00 13.25 -0.42
C ARG C 41 12.71 14.62 -0.99
N ASP C 42 12.55 14.70 -2.30
CA ASP C 42 12.28 15.97 -2.95
C ASP C 42 10.91 16.51 -2.57
N LEU C 43 9.94 15.62 -2.54
CA LEU C 43 8.60 15.98 -2.17
C LEU C 43 8.65 16.58 -0.76
N LEU C 44 9.30 15.87 0.16
CA LEU C 44 9.46 16.30 1.55
C LEU C 44 10.06 17.69 1.60
N ASP C 45 11.02 17.96 0.73
CA ASP C 45 11.68 19.27 0.69
C ASP C 45 10.80 20.39 0.15
N ASN C 46 9.81 20.05 -0.68
CA ASN C 46 8.90 21.05 -1.21
C ASN C 46 7.87 21.39 -0.15
N HIS C 47 7.38 20.36 0.53
CA HIS C 47 6.42 20.50 1.61
C HIS C 47 6.99 21.40 2.69
N ASP C 48 8.20 21.08 3.14
CA ASP C 48 8.90 21.84 4.16
C ASP C 48 9.09 23.28 3.70
N THR C 49 9.49 23.53 2.47
CA THR C 49 9.62 24.95 2.19
C THR C 49 8.24 25.61 2.29
N ILE C 50 7.21 24.99 1.70
CA ILE C 50 5.88 25.56 1.72
C ILE C 50 5.35 25.86 3.13
N VAL C 51 5.13 24.82 3.92
CA VAL C 51 4.64 24.94 5.27
C VAL C 51 5.43 25.99 6.06
N CYS C 52 6.76 25.87 6.06
CA CYS C 52 7.60 26.81 6.78
C CYS C 52 7.30 28.22 6.31
N HIS C 53 6.99 28.38 5.02
CA HIS C 53 6.69 29.71 4.52
C HIS C 53 5.35 30.26 5.00
N GLU C 54 4.33 29.41 5.03
CA GLU C 54 3.02 29.83 5.51
C GLU C 54 3.15 30.27 6.97
N ILE C 55 3.73 29.41 7.79
CA ILE C 55 3.93 29.70 9.21
C ILE C 55 4.57 31.06 9.41
N GLN C 56 5.69 31.29 8.76
CA GLN C 56 6.36 32.57 8.87
C GLN C 56 5.46 33.73 8.39
N ARG C 57 4.66 33.48 7.34
CA ARG C 57 3.69 34.44 6.75
C ARG C 57 2.77 34.97 7.85
N PHE C 58 2.07 34.05 8.48
CA PHE C 58 1.12 34.33 9.53
C PHE C 58 1.75 34.58 10.88
N GLY C 59 2.93 35.17 10.89
CA GLY C 59 3.61 35.49 12.13
C GLY C 59 3.90 34.36 13.11
N GLY C 60 3.74 33.11 12.69
CA GLY C 60 4.02 32.00 13.56
C GLY C 60 5.50 31.80 13.85
N ARG C 61 5.79 30.96 14.83
CA ARG C 61 7.18 30.69 15.22
C ARG C 61 7.31 29.17 15.30
N GLU C 62 8.21 28.62 14.50
CA GLU C 62 8.42 27.20 14.53
C GLU C 62 9.34 26.78 15.66
N VAL C 63 8.84 25.76 16.33
CA VAL C 63 9.46 25.07 17.47
C VAL C 63 9.68 23.76 16.83
N ASN C 64 9.88 23.91 15.45
CA ASN C 64 9.99 23.18 14.19
C ASN C 64 9.81 21.62 13.91
N THR C 65 10.60 20.53 14.11
CA THR C 65 9.95 19.37 13.54
C THR C 65 9.14 18.35 14.35
N ALA C 66 8.05 17.88 13.73
CA ALA C 66 7.10 16.87 14.26
C ALA C 66 7.29 15.70 13.30
N GLY C 67 8.59 15.46 13.07
CA GLY C 67 9.10 14.45 12.18
C GLY C 67 8.74 14.96 10.81
N ASP C 68 7.78 14.26 10.22
CA ASP C 68 7.20 14.59 8.92
C ASP C 68 6.18 15.65 9.27
N GLY C 69 6.62 16.75 9.82
CA GLY C 69 5.64 17.75 10.14
C GLY C 69 6.25 18.86 10.93
N PHE C 70 5.42 19.80 11.30
CA PHE C 70 5.92 20.92 12.05
C PHE C 70 5.17 21.16 13.34
N VAL C 71 5.74 22.05 14.13
CA VAL C 71 5.14 22.46 15.37
C VAL C 71 5.47 23.95 15.39
N ALA C 72 4.47 24.77 15.71
CA ALA C 72 4.70 26.19 15.73
C ALA C 72 3.82 26.88 16.74
N THR C 73 4.28 28.01 17.26
CA THR C 73 3.50 28.75 18.23
C THR C 73 3.09 30.11 17.68
N PHE C 74 1.84 30.47 17.96
CA PHE C 74 1.35 31.76 17.50
C PHE C 74 0.87 32.53 18.70
N THR C 75 1.06 33.82 18.63
CA THR C 75 0.64 34.67 19.70
C THR C 75 -0.83 35.03 19.56
N SER C 76 -1.43 34.63 18.45
CA SER C 76 -2.85 34.85 18.12
C SER C 76 -3.48 33.53 17.62
N PRO C 77 -4.50 33.06 18.33
CA PRO C 77 -5.22 31.81 17.98
C PRO C 77 -5.84 31.94 16.60
N SER C 78 -6.29 33.14 16.24
CA SER C 78 -6.90 33.38 14.92
C SER C 78 -5.88 33.19 13.80
N ALA C 79 -4.70 33.78 13.96
CA ALA C 79 -3.64 33.68 12.99
C ALA C 79 -3.30 32.20 12.79
N ALA C 80 -3.04 31.49 13.89
CA ALA C 80 -2.73 30.08 13.82
C ALA C 80 -3.77 29.32 13.01
N ILE C 81 -5.04 29.70 13.16
CA ILE C 81 -6.11 29.02 12.45
C ILE C 81 -6.12 29.39 10.98
N ALA C 82 -5.79 30.64 10.69
CA ALA C 82 -5.75 31.07 9.31
C ALA C 82 -4.55 30.42 8.63
N CYS C 83 -3.44 30.25 9.37
CA CYS C 83 -2.25 29.64 8.79
C CYS C 83 -2.49 28.17 8.46
N ALA C 84 -3.21 27.48 9.34
CA ALA C 84 -3.51 26.08 9.18
C ALA C 84 -4.41 25.73 7.99
N ASP C 85 -5.32 26.64 7.65
CA ASP C 85 -6.28 26.40 6.57
C ASP C 85 -5.65 26.71 5.23
N ASP C 86 -4.74 27.67 5.25
CA ASP C 86 -4.01 28.06 4.08
C ASP C 86 -3.05 26.90 3.75
N ILE C 87 -2.39 26.37 4.79
CA ILE C 87 -1.46 25.26 4.65
C ILE C 87 -2.12 24.04 4.03
N VAL C 88 -3.29 23.69 4.53
CA VAL C 88 -4.02 22.55 4.01
C VAL C 88 -4.20 22.65 2.49
N ASP C 89 -4.37 23.86 1.97
CA ASP C 89 -4.57 24.04 0.54
C ASP C 89 -3.26 24.09 -0.23
N ALA C 90 -2.28 24.77 0.34
CA ALA C 90 -0.99 24.89 -0.32
C ALA C 90 -0.23 23.54 -0.49
N VAL C 91 -0.48 22.57 0.38
CA VAL C 91 0.21 21.29 0.27
C VAL C 91 -0.58 20.31 -0.58
N ALA C 92 -1.88 20.52 -0.67
CA ALA C 92 -2.72 19.65 -1.47
C ALA C 92 -2.30 19.85 -2.93
N ALA C 93 -1.62 20.95 -3.18
CA ALA C 93 -1.14 21.28 -4.51
C ALA C 93 0.08 20.45 -4.89
N LEU C 94 0.59 19.65 -3.95
CA LEU C 94 1.76 18.80 -4.19
C LEU C 94 1.33 17.34 -4.38
N GLY C 95 0.05 17.07 -4.19
CA GLY C 95 -0.42 15.70 -4.35
C GLY C 95 -0.54 14.99 -3.02
N ILE C 96 -0.07 15.64 -1.95
CA ILE C 96 -0.13 15.08 -0.61
C ILE C 96 -1.04 15.92 0.28
N GLU C 97 -1.66 15.26 1.25
CA GLU C 97 -2.54 15.94 2.19
C GLU C 97 -1.89 15.97 3.57
N VAL C 98 -2.16 17.03 4.32
CA VAL C 98 -1.63 17.16 5.67
C VAL C 98 -2.77 17.08 6.66
N ARG C 99 -2.46 16.66 7.89
CA ARG C 99 -3.48 16.66 8.93
C ARG C 99 -2.92 17.70 9.91
N ILE C 100 -3.78 18.53 10.50
CA ILE C 100 -3.33 19.57 11.42
C ILE C 100 -4.07 19.59 12.75
N GLY C 101 -3.32 19.85 13.81
CA GLY C 101 -3.91 19.90 15.14
C GLY C 101 -3.51 21.19 15.83
N ILE C 102 -4.49 21.84 16.48
CA ILE C 102 -4.21 23.09 17.18
C ILE C 102 -4.69 23.07 18.63
N HIS C 103 -3.94 23.74 19.49
CA HIS C 103 -4.29 23.84 20.89
C HIS C 103 -3.69 25.10 21.47
N ALA C 104 -4.27 25.54 22.57
CA ALA C 104 -3.78 26.76 23.22
C ALA C 104 -3.70 26.50 24.71
N GLY C 105 -2.67 27.04 25.33
CA GLY C 105 -2.50 26.85 26.74
C GLY C 105 -1.20 27.50 27.16
N GLU C 106 -0.94 27.54 28.46
CA GLU C 106 0.31 28.12 28.93
C GLU C 106 1.37 27.04 28.70
N VAL C 107 2.60 27.43 28.39
CA VAL C 107 3.65 26.46 28.19
C VAL C 107 4.99 26.96 28.73
N GLU C 108 5.81 25.99 29.13
CA GLU C 108 7.13 26.24 29.66
C GLU C 108 8.02 26.56 28.48
N VAL C 109 8.58 27.77 28.48
CA VAL C 109 9.45 28.20 27.36
C VAL C 109 10.94 27.89 27.64
N ARG C 110 11.73 27.28 26.70
CA ARG C 110 13.13 26.89 27.07
C ARG C 110 14.31 26.87 26.08
N ASP C 111 15.19 25.90 26.27
CA ASP C 111 16.58 26.02 25.58
C ASP C 111 16.98 24.86 24.61
N ALA C 112 18.03 24.77 24.22
CA ALA C 112 18.95 24.14 23.32
C ALA C 112 18.55 24.44 21.89
N THR C 116 14.54 27.82 19.44
CA THR C 116 13.48 28.00 20.43
C THR C 116 12.67 26.72 20.63
N ASP C 117 12.30 26.44 21.88
CA ASP C 117 11.52 25.25 22.18
C ASP C 117 10.55 25.51 23.33
N VAL C 118 9.48 24.73 23.34
CA VAL C 118 8.41 24.84 24.32
C VAL C 118 8.12 23.47 24.90
N ALA C 119 7.51 23.46 26.09
CA ALA C 119 7.17 22.20 26.76
C ALA C 119 6.06 22.36 27.79
N GLY C 120 5.32 21.28 28.00
CA GLY C 120 4.26 21.25 28.98
C GLY C 120 3.20 20.31 28.46
N VAL C 121 2.25 19.96 29.29
CA VAL C 121 1.18 19.08 28.86
C VAL C 121 0.37 19.70 27.70
N ALA C 122 0.43 21.03 27.52
CA ALA C 122 -0.32 21.65 26.43
C ALA C 122 0.25 21.20 25.09
N VAL C 123 1.56 21.03 25.04
CA VAL C 123 2.23 20.57 23.83
C VAL C 123 1.77 19.15 23.53
N HIS C 124 1.67 18.32 24.56
CA HIS C 124 1.22 16.96 24.36
C HIS C 124 -0.21 16.87 23.89
N ILE C 125 -1.02 17.84 24.31
CA ILE C 125 -2.42 17.86 23.90
C ILE C 125 -2.50 18.24 22.42
N GLY C 126 -1.73 19.23 22.02
CA GLY C 126 -1.72 19.61 20.63
C GLY C 126 -1.34 18.43 19.75
N ALA C 127 -0.13 17.91 19.98
CA ALA C 127 0.52 16.76 19.30
C ALA C 127 -0.46 15.63 19.17
N ARG C 128 -1.50 15.72 19.97
CA ARG C 128 -2.52 14.71 20.02
C ARG C 128 -3.83 15.10 19.41
N VAL C 129 -4.10 16.38 19.21
CA VAL C 129 -5.33 16.54 18.52
C VAL C 129 -4.90 16.53 17.02
N CYS C 130 -3.60 16.52 16.75
CA CYS C 130 -3.08 16.42 15.37
C CYS C 130 -3.25 14.96 14.90
N ALA C 131 -2.84 14.02 15.75
CA ALA C 131 -2.97 12.61 15.44
C ALA C 131 -4.40 12.16 15.23
N LEU C 132 -5.35 12.90 15.77
CA LEU C 132 -6.75 12.51 15.61
C LEU C 132 -7.38 13.18 14.38
N ALA C 133 -6.65 14.14 13.81
CA ALA C 133 -7.09 14.89 12.64
C ALA C 133 -7.04 14.04 11.35
N GLY C 134 -8.09 14.15 10.53
CA GLY C 134 -8.14 13.42 9.29
C GLY C 134 -7.38 14.12 8.18
N PRO C 135 -7.36 13.55 6.97
CA PRO C 135 -6.64 14.15 5.84
C PRO C 135 -7.22 15.53 5.50
N SER C 136 -6.33 16.48 5.23
CA SER C 136 -6.75 17.84 4.90
C SER C 136 -7.78 18.41 5.90
N GLU C 137 -7.68 17.98 7.15
CA GLU C 137 -8.59 18.42 8.17
C GLU C 137 -7.84 19.18 9.26
N VAL C 138 -8.40 20.30 9.71
CA VAL C 138 -7.82 21.12 10.77
C VAL C 138 -8.62 20.85 12.03
N LEU C 139 -8.06 20.06 12.95
CA LEU C 139 -8.75 19.73 14.20
C LEU C 139 -8.23 20.63 15.34
N VAL C 140 -9.13 21.03 16.24
CA VAL C 140 -8.76 21.89 17.38
C VAL C 140 -9.48 21.54 18.67
N SER C 141 -8.84 21.84 19.80
CA SER C 141 -9.44 21.59 21.10
C SER C 141 -10.61 22.61 21.29
N SER C 142 -11.64 22.19 22.02
CA SER C 142 -12.75 23.08 22.31
C SER C 142 -12.09 24.35 22.85
N THR C 143 -10.93 24.18 23.46
CA THR C 143 -10.20 25.32 23.99
C THR C 143 -9.91 26.36 22.93
N VAL C 144 -9.53 25.97 21.71
CA VAL C 144 -9.25 27.04 20.74
C VAL C 144 -10.51 27.57 20.05
N ARG C 145 -11.57 26.78 20.01
CA ARG C 145 -12.82 27.25 19.43
C ARG C 145 -13.31 28.38 20.36
N ASP C 146 -13.39 28.07 21.66
CA ASP C 146 -13.82 29.02 22.67
C ASP C 146 -13.11 30.36 22.51
N ILE C 147 -11.79 30.34 22.60
CA ILE C 147 -10.97 31.55 22.49
C ILE C 147 -11.07 32.40 21.23
N VAL C 148 -11.67 31.88 20.18
CA VAL C 148 -11.76 32.70 18.98
C VAL C 148 -13.22 32.97 18.69
N ALA C 149 -14.10 32.46 19.55
CA ALA C 149 -15.52 32.72 19.39
C ALA C 149 -15.63 34.24 19.20
N GLY C 150 -16.44 34.68 18.25
CA GLY C 150 -16.55 36.10 17.98
C GLY C 150 -15.83 36.46 16.70
N SER C 151 -15.11 35.49 16.15
CA SER C 151 -14.35 35.70 14.90
C SER C 151 -15.14 35.05 13.75
N ARG C 152 -14.61 35.19 12.54
CA ARG C 152 -15.25 34.60 11.37
C ARG C 152 -15.18 33.07 11.29
N HIS C 153 -14.23 32.44 11.99
CA HIS C 153 -14.09 30.98 11.93
C HIS C 153 -15.23 30.24 12.60
N ARG C 154 -15.64 29.13 11.96
CA ARG C 154 -16.72 28.30 12.48
C ARG C 154 -16.20 26.85 12.58
N PHE C 155 -16.76 26.09 13.52
CA PHE C 155 -16.33 24.73 13.75
C PHE C 155 -17.50 23.81 13.99
N ALA C 156 -17.27 22.51 13.78
CA ALA C 156 -18.29 21.49 14.03
C ALA C 156 -17.72 20.68 15.20
N GLU C 157 -18.56 20.31 16.16
CA GLU C 157 -18.10 19.58 17.33
C GLU C 157 -18.17 18.07 17.18
N ARG C 158 -17.04 17.42 17.43
CA ARG C 158 -16.97 15.96 17.32
C ARG C 158 -17.53 15.30 18.57
N GLY C 159 -17.17 15.81 19.74
CA GLY C 159 -17.64 15.20 20.98
C GLY C 159 -16.51 14.90 21.94
N GLU C 160 -16.76 14.04 22.94
CA GLU C 160 -15.75 13.70 23.94
C GLU C 160 -14.76 12.59 23.56
N GLN C 161 -13.49 12.96 23.51
CA GLN C 161 -12.44 12.01 23.22
C GLN C 161 -11.63 11.85 24.45
N GLU C 162 -11.10 10.66 24.55
CA GLU C 162 -10.25 10.31 25.63
C GLU C 162 -8.82 10.39 25.10
N LEU C 163 -8.33 11.63 24.97
CA LEU C 163 -6.97 11.86 24.51
C LEU C 163 -6.08 11.07 25.46
N LYS C 164 -5.31 10.15 24.89
CA LYS C 164 -4.47 9.27 25.67
C LYS C 164 -3.41 9.97 26.54
N GLY C 165 -3.24 9.41 27.74
CA GLY C 165 -2.28 9.88 28.73
C GLY C 165 -2.68 11.19 29.35
N VAL C 166 -3.85 11.66 28.94
CA VAL C 166 -4.33 12.93 29.41
C VAL C 166 -5.61 13.00 30.31
N PRO C 167 -5.62 13.82 31.39
CA PRO C 167 -6.72 14.03 32.29
C PRO C 167 -7.91 14.57 31.76
N GLY C 168 -9.00 13.95 32.08
CA GLY C 168 -10.13 14.67 31.60
C GLY C 168 -10.95 13.88 30.67
N ARG C 169 -11.11 14.45 29.50
CA ARG C 169 -11.88 13.89 28.40
C ARG C 169 -12.23 15.21 27.72
N TRP C 170 -11.70 15.34 26.53
CA TRP C 170 -11.82 16.55 25.77
C TRP C 170 -12.82 16.47 24.68
N ARG C 171 -13.14 17.64 24.16
CA ARG C 171 -14.09 17.69 23.10
C ARG C 171 -13.39 18.20 21.96
N LEU C 172 -13.52 17.51 20.87
CA LEU C 172 -12.79 18.03 19.76
C LEU C 172 -13.69 18.68 18.66
N CYS C 173 -13.15 19.71 17.99
CA CYS C 173 -13.85 20.50 16.94
C CYS C 173 -13.14 20.69 15.58
N VAL C 174 -13.86 20.45 14.49
CA VAL C 174 -13.37 20.56 13.10
C VAL C 174 -13.62 21.94 12.50
N LEU C 175 -12.58 22.57 12.00
CA LEU C 175 -12.71 23.86 11.35
C LEU C 175 -13.47 23.66 10.03
N MET C 176 -14.53 24.42 9.81
CA MET C 176 -15.28 24.30 8.55
C MET C 176 -14.65 25.22 7.51
N ARG C 177 -14.12 24.60 6.46
CA ARG C 177 -13.44 25.31 5.39
C ARG C 177 -14.30 25.43 4.15
N ASP C 178 -13.99 26.43 3.32
CA ASP C 178 -14.71 26.63 2.07
C ASP C 178 -14.11 25.70 1.03
N ALA D 13 22.18 15.81 -1.86
CA ALA D 13 22.07 14.59 -1.01
C ALA D 13 22.61 13.36 -1.73
N GLU D 14 22.81 12.28 -0.97
CA GLU D 14 23.32 11.02 -1.52
C GLU D 14 22.65 9.88 -0.79
N ARG D 15 22.58 8.71 -1.44
CA ARG D 15 22.00 7.56 -0.76
C ARG D 15 23.16 7.01 0.07
N MET D 16 22.98 6.97 1.39
CA MET D 16 24.03 6.47 2.27
C MET D 16 23.54 5.40 3.22
N LEU D 17 24.42 4.45 3.53
CA LEU D 17 24.07 3.37 4.45
C LEU D 17 24.22 3.96 5.85
N ALA D 18 23.26 3.72 6.73
CA ALA D 18 23.33 4.28 8.08
C ALA D 18 22.55 3.49 9.08
N THR D 19 22.93 3.65 10.33
CA THR D 19 22.23 2.98 11.41
C THR D 19 21.51 4.12 12.10
N ILE D 20 20.20 3.98 12.23
CA ILE D 20 19.38 5.02 12.82
C ILE D 20 18.83 4.63 14.16
N MET D 21 19.02 5.51 15.14
CA MET D 21 18.50 5.28 16.49
C MET D 21 17.36 6.26 16.87
N PHE D 22 16.27 5.69 17.36
CA PHE D 22 15.12 6.46 17.82
C PHE D 22 14.87 6.27 19.33
N THR D 23 14.82 7.39 20.07
CA THR D 23 14.57 7.40 21.53
C THR D 23 13.28 8.09 21.92
N ASP D 24 12.58 7.51 22.88
CA ASP D 24 11.35 8.07 23.33
C ASP D 24 11.04 7.76 24.79
N ILE D 25 10.63 8.79 25.52
CA ILE D 25 10.31 8.65 26.93
C ILE D 25 9.02 7.87 27.10
N VAL D 26 9.03 6.92 28.03
CA VAL D 26 7.87 6.11 28.26
C VAL D 26 6.82 6.79 29.19
N GLY D 27 5.57 6.84 28.74
CA GLY D 27 4.49 7.47 29.48
C GLY D 27 4.88 8.91 29.76
N SER D 28 5.45 9.52 28.73
CA SER D 28 5.94 10.89 28.79
C SER D 28 4.73 11.77 29.00
N THR D 29 3.61 11.39 28.41
CA THR D 29 2.45 12.20 28.59
C THR D 29 1.87 12.08 30.03
N GLN D 30 1.66 10.86 30.55
CA GLN D 30 1.18 10.65 31.94
C GLN D 30 2.16 11.25 32.96
N HIS D 31 3.42 11.29 32.56
CA HIS D 31 4.49 11.81 33.39
C HIS D 31 4.40 13.31 33.57
N ALA D 32 4.25 14.02 32.47
CA ALA D 32 4.13 15.47 32.58
C ALA D 32 2.86 15.83 33.38
N ALA D 33 1.82 15.02 33.22
CA ALA D 33 0.57 15.25 33.89
C ALA D 33 0.69 15.02 35.38
N ALA D 34 1.32 13.91 35.74
CA ALA D 34 1.46 13.58 37.14
C ALA D 34 2.50 14.43 37.89
N LEU D 35 3.20 15.32 37.19
CA LEU D 35 4.27 16.14 37.74
C LEU D 35 4.06 17.63 37.85
N GLY D 36 3.43 18.17 36.80
CA GLY D 36 3.17 19.59 36.67
C GLY D 36 4.24 20.10 35.71
N ASP D 37 3.93 21.14 34.93
CA ASP D 37 4.85 21.69 33.94
C ASP D 37 6.24 22.12 34.41
N ASP D 38 6.34 22.67 35.61
CA ASP D 38 7.64 23.13 36.09
C ASP D 38 8.64 22.00 36.25
N ARG D 39 8.21 20.95 36.93
CA ARG D 39 9.07 19.81 37.15
C ARG D 39 9.28 19.05 35.86
N TRP D 40 8.22 18.88 35.08
CA TRP D 40 8.32 18.18 33.81
C TRP D 40 9.37 18.88 32.97
N ARG D 41 9.28 20.20 32.87
CA ARG D 41 10.25 20.94 32.09
C ARG D 41 11.68 20.64 32.55
N ASP D 42 11.91 20.68 33.86
CA ASP D 42 13.25 20.43 34.34
C ASP D 42 13.74 19.01 34.05
N LEU D 43 12.85 18.05 34.20
CA LEU D 43 13.15 16.66 33.94
C LEU D 43 13.51 16.49 32.47
N LEU D 44 12.84 17.24 31.59
CA LEU D 44 13.10 17.18 30.16
C LEU D 44 14.48 17.69 29.80
N ASP D 45 14.85 18.81 30.40
CA ASP D 45 16.15 19.37 30.08
C ASP D 45 17.28 18.51 30.57
N ASN D 46 17.00 17.68 31.57
CA ASN D 46 18.02 16.80 32.10
C ASN D 46 18.21 15.64 31.14
N HIS D 47 17.09 15.05 30.73
CA HIS D 47 17.11 13.92 29.82
C HIS D 47 17.77 14.30 28.51
N ASP D 48 17.37 15.42 27.94
CA ASP D 48 17.97 15.88 26.69
C ASP D 48 19.47 16.09 26.80
N THR D 49 19.91 16.76 27.84
CA THR D 49 21.33 17.02 27.98
C THR D 49 22.11 15.66 28.14
N ILE D 50 21.48 14.67 28.78
CA ILE D 50 22.04 13.32 28.99
C ILE D 50 22.12 12.58 27.67
N VAL D 51 20.95 12.23 27.12
CA VAL D 51 20.87 11.54 25.84
C VAL D 51 21.76 12.19 24.78
N CYS D 52 21.64 13.50 24.60
CA CYS D 52 22.46 14.16 23.61
C CYS D 52 23.94 13.93 23.88
N HIS D 53 24.29 13.82 25.17
CA HIS D 53 25.67 13.59 25.57
C HIS D 53 26.16 12.18 25.19
N GLU D 54 25.33 11.18 25.45
CA GLU D 54 25.69 9.81 25.12
C GLU D 54 25.90 9.69 23.62
N ILE D 55 24.91 10.15 22.86
CA ILE D 55 24.96 10.10 21.40
C ILE D 55 26.28 10.66 20.89
N GLN D 56 26.61 11.88 21.29
CA GLN D 56 27.86 12.49 20.85
C GLN D 56 29.07 11.67 21.31
N ARG D 57 28.96 11.04 22.47
CA ARG D 57 30.04 10.23 23.02
C ARG D 57 30.38 9.08 22.10
N PHE D 58 29.35 8.31 21.73
CA PHE D 58 29.52 7.18 20.84
C PHE D 58 29.55 7.58 19.36
N GLY D 59 30.14 8.73 19.07
CA GLY D 59 30.24 9.20 17.70
C GLY D 59 28.97 9.34 16.88
N GLY D 60 27.80 9.28 17.52
CA GLY D 60 26.55 9.44 16.81
C GLY D 60 26.31 10.85 16.30
N ARG D 61 25.33 11.00 15.43
CA ARG D 61 24.99 12.30 14.86
C ARG D 61 23.48 12.50 14.97
N GLU D 62 23.06 13.49 15.75
CA GLU D 62 21.64 13.85 15.97
C GLU D 62 20.99 14.29 14.64
N VAL D 63 19.87 13.73 14.20
CA VAL D 63 19.36 14.24 12.89
C VAL D 63 18.15 15.13 13.14
N ASN D 64 17.04 15.09 12.43
CA ASN D 64 16.07 16.03 13.00
C ASN D 64 15.66 15.39 14.35
N THR D 65 15.74 16.10 15.48
CA THR D 65 15.34 15.45 16.75
C THR D 65 13.97 15.94 17.31
N ALA D 66 13.03 15.03 17.06
CA ALA D 66 11.58 15.03 17.26
C ALA D 66 10.85 14.67 18.55
N GLY D 67 10.19 15.66 19.16
CA GLY D 67 9.43 15.41 20.37
C GLY D 67 10.24 15.02 21.58
N ASP D 68 9.62 14.29 22.49
CA ASP D 68 10.27 13.83 23.71
C ASP D 68 11.16 12.63 23.43
N GLY D 69 12.04 12.81 22.46
CA GLY D 69 12.95 11.75 22.09
C GLY D 69 13.96 12.27 21.09
N PHE D 70 14.84 11.39 20.63
CA PHE D 70 15.84 11.77 19.67
C PHE D 70 15.91 10.81 18.49
N VAL D 71 16.66 11.24 17.48
CA VAL D 71 16.88 10.44 16.30
C VAL D 71 18.32 10.76 15.98
N ALA D 72 19.09 9.71 15.74
CA ALA D 72 20.51 9.90 15.44
C ALA D 72 21.02 8.83 14.49
N THR D 73 22.05 9.19 13.75
CA THR D 73 22.64 8.25 12.81
C THR D 73 24.06 7.90 13.18
N PHE D 74 24.38 6.62 13.10
CA PHE D 74 25.74 6.16 13.39
C PHE D 74 26.31 5.47 12.16
N THR D 75 27.60 5.63 11.95
CA THR D 75 28.26 4.99 10.82
C THR D 75 28.65 3.57 11.22
N SER D 76 28.42 3.22 12.48
CA SER D 76 28.73 1.90 13.04
C SER D 76 27.53 1.32 13.78
N PRO D 77 26.97 0.20 13.31
CA PRO D 77 25.82 -0.41 13.97
C PRO D 77 26.12 -0.75 15.43
N SER D 78 27.35 -1.19 15.68
CA SER D 78 27.78 -1.58 17.03
C SER D 78 27.76 -0.40 17.98
N ALA D 79 28.32 0.71 17.52
CA ALA D 79 28.36 1.93 18.28
C ALA D 79 26.92 2.31 18.70
N ALA D 80 26.05 2.42 17.71
CA ALA D 80 24.66 2.77 17.93
C ALA D 80 24.03 1.89 18.99
N ILE D 81 24.41 0.62 19.01
CA ILE D 81 23.84 -0.31 19.98
C ILE D 81 24.44 -0.08 21.36
N ALA D 82 25.71 0.29 21.40
CA ALA D 82 26.39 0.51 22.69
C ALA D 82 25.80 1.77 23.30
N CYS D 83 25.57 2.75 22.46
CA CYS D 83 25.00 4.03 22.86
C CYS D 83 23.63 3.82 23.47
N ALA D 84 22.79 3.08 22.76
CA ALA D 84 21.44 2.82 23.20
C ALA D 84 21.37 2.11 24.55
N ASP D 85 22.31 1.20 24.76
CA ASP D 85 22.38 0.43 25.99
C ASP D 85 22.79 1.30 27.18
N ASP D 86 23.71 2.22 26.92
CA ASP D 86 24.19 3.14 27.92
C ASP D 86 23.08 4.16 28.27
N ILE D 87 22.39 4.67 27.25
CA ILE D 87 21.30 5.63 27.41
C ILE D 87 20.20 5.10 28.30
N VAL D 88 19.80 3.86 28.06
CA VAL D 88 18.76 3.25 28.87
C VAL D 88 19.09 3.29 30.36
N ASP D 89 20.38 3.21 30.69
CA ASP D 89 20.76 3.24 32.10
C ASP D 89 20.93 4.66 32.63
N ALA D 90 21.50 5.52 31.81
CA ALA D 90 21.71 6.90 32.21
C ALA D 90 20.42 7.69 32.46
N VAL D 91 19.31 7.34 31.81
CA VAL D 91 18.07 8.07 32.01
C VAL D 91 17.24 7.44 33.12
N ALA D 92 17.46 6.15 33.39
CA ALA D 92 16.71 5.49 34.44
C ALA D 92 17.14 6.12 35.75
N ALA D 93 18.26 6.84 35.70
CA ALA D 93 18.79 7.51 36.87
C ALA D 93 18.01 8.78 37.19
N LEU D 94 17.09 9.16 36.30
CA LEU D 94 16.25 10.34 36.50
C LEU D 94 14.86 9.97 36.95
N GLY D 95 14.58 8.68 37.04
CA GLY D 95 13.26 8.27 37.47
C GLY D 95 12.35 7.96 36.30
N ILE D 96 12.82 8.24 35.09
CA ILE D 96 12.05 7.99 33.87
C ILE D 96 12.73 6.92 33.04
N GLU D 97 11.94 6.15 32.28
CA GLU D 97 12.46 5.12 31.42
C GLU D 97 12.29 5.54 29.96
N VAL D 98 13.22 5.12 29.12
CA VAL D 98 13.19 5.44 27.70
C VAL D 98 12.95 4.16 26.91
N ARG D 99 12.41 4.29 25.71
CA ARG D 99 12.20 3.14 24.84
C ARG D 99 13.06 3.48 23.63
N ILE D 100 13.81 2.51 23.12
CA ILE D 100 14.69 2.77 21.98
C ILE D 100 14.50 1.82 20.81
N GLY D 101 14.59 2.40 19.60
CA GLY D 101 14.43 1.62 18.39
C GLY D 101 15.59 1.86 17.47
N ILE D 102 16.15 0.78 16.91
CA ILE D 102 17.27 0.91 15.97
C ILE D 102 17.02 0.21 14.63
N HIS D 103 17.56 0.79 13.58
CA HIS D 103 17.42 0.22 12.26
C HIS D 103 18.56 0.70 11.41
N ALA D 104 18.83 -0.05 10.35
CA ALA D 104 19.91 0.29 9.45
C ALA D 104 19.43 0.14 8.02
N GLY D 105 19.86 1.05 7.15
CA GLY D 105 19.46 0.97 5.77
C GLY D 105 20.02 2.17 5.06
N GLU D 106 19.89 2.21 3.75
CA GLU D 106 20.38 3.37 3.00
C GLU D 106 19.33 4.47 3.21
N VAL D 107 19.76 5.72 3.20
CA VAL D 107 18.83 6.83 3.41
C VAL D 107 19.28 8.05 2.63
N GLU D 108 18.31 8.88 2.29
CA GLU D 108 18.58 10.10 1.57
C GLU D 108 19.02 11.09 2.63
N VAL D 109 20.22 11.62 2.47
CA VAL D 109 20.77 12.54 3.45
C VAL D 109 20.63 14.00 3.06
N ARG D 110 19.63 14.63 3.67
CA ARG D 110 19.34 16.04 3.46
C ARG D 110 20.35 16.75 4.36
N ASP D 111 21.61 16.32 4.22
CA ASP D 111 22.73 16.84 4.99
C ASP D 111 22.94 18.34 4.84
N ALA D 112 23.51 18.93 5.88
CA ALA D 112 23.78 20.35 5.92
C ALA D 112 24.83 20.63 7.00
N SER D 113 25.57 21.73 6.84
CA SER D 113 26.57 22.12 7.81
C SER D 113 25.81 22.61 9.04
N HIS D 114 24.72 21.91 9.34
CA HIS D 114 23.84 22.21 10.48
C HIS D 114 22.63 21.30 10.35
N GLY D 115 22.11 20.84 11.49
CA GLY D 115 20.94 19.98 11.50
C GLY D 115 20.77 19.07 10.29
N THR D 116 21.89 18.53 9.80
CA THR D 116 21.87 17.63 8.65
C THR D 116 20.77 16.59 8.86
N ASP D 117 19.80 16.52 7.94
CA ASP D 117 18.72 15.56 8.11
C ASP D 117 18.77 14.35 7.20
N VAL D 118 17.86 13.42 7.45
CA VAL D 118 17.81 12.19 6.68
C VAL D 118 16.37 11.82 6.38
N ALA D 119 16.16 11.04 5.33
CA ALA D 119 14.81 10.62 4.94
C ALA D 119 14.80 9.36 4.10
N GLY D 120 13.72 8.61 4.18
CA GLY D 120 13.59 7.41 3.39
C GLY D 120 12.73 6.48 4.20
N VAL D 121 12.27 5.39 3.62
CA VAL D 121 11.45 4.45 4.36
C VAL D 121 12.27 3.83 5.52
N ALA D 122 13.61 3.89 5.44
CA ALA D 122 14.42 3.32 6.53
C ALA D 122 14.11 4.09 7.81
N VAL D 123 13.96 5.41 7.66
CA VAL D 123 13.65 6.28 8.80
C VAL D 123 12.33 5.88 9.40
N HIS D 124 11.32 5.67 8.55
CA HIS D 124 10.01 5.28 9.06
C HIS D 124 10.02 3.93 9.73
N ILE D 125 10.93 3.05 9.31
CA ILE D 125 10.99 1.72 9.91
C ILE D 125 11.60 1.85 11.31
N GLY D 126 12.66 2.65 11.44
CA GLY D 126 13.26 2.86 12.73
C GLY D 126 12.23 3.39 13.73
N ALA D 127 11.63 4.53 13.40
CA ALA D 127 10.61 5.16 14.24
C ALA D 127 9.58 4.12 14.61
N ARG D 128 9.22 3.26 13.65
CA ARG D 128 8.22 2.26 13.96
C ARG D 128 8.70 1.19 14.92
N VAL D 129 9.99 0.91 14.91
CA VAL D 129 10.50 -0.12 15.82
C VAL D 129 10.56 0.48 17.24
N CYS D 130 10.90 1.76 17.32
CA CYS D 130 10.94 2.45 18.59
C CYS D 130 9.58 2.36 19.28
N ALA D 131 8.52 2.66 18.53
CA ALA D 131 7.15 2.63 19.04
C ALA D 131 6.76 1.26 19.58
N LEU D 132 7.42 0.21 19.09
CA LEU D 132 7.08 -1.12 19.56
C LEU D 132 7.91 -1.55 20.75
N ALA D 133 8.97 -0.78 21.02
CA ALA D 133 9.86 -1.05 22.13
C ALA D 133 9.24 -0.79 23.50
N GLY D 134 9.48 -1.71 24.43
CA GLY D 134 8.97 -1.57 25.78
C GLY D 134 9.82 -0.64 26.62
N PRO D 135 9.44 -0.44 27.89
CA PRO D 135 10.14 0.42 28.84
C PRO D 135 11.59 -0.04 29.01
N SER D 136 12.54 0.88 28.92
CA SER D 136 13.96 0.54 29.10
C SER D 136 14.37 -0.68 28.28
N GLU D 137 13.78 -0.79 27.09
CA GLU D 137 14.07 -1.89 26.20
C GLU D 137 14.60 -1.33 24.88
N VAL D 138 15.68 -1.94 24.38
CA VAL D 138 16.30 -1.54 23.11
C VAL D 138 15.87 -2.56 22.06
N LEU D 139 14.96 -2.14 21.18
CA LEU D 139 14.44 -3.03 20.12
C LEU D 139 15.13 -2.71 18.78
N VAL D 140 15.40 -3.76 18.00
CA VAL D 140 16.07 -3.59 16.69
C VAL D 140 15.50 -4.48 15.60
N SER D 141 15.66 -4.05 14.35
CA SER D 141 15.18 -4.88 13.23
C SER D 141 16.15 -6.05 13.06
N SER D 142 15.65 -7.20 12.61
CA SER D 142 16.51 -8.35 12.35
C SER D 142 17.64 -7.83 11.48
N THR D 143 17.34 -6.84 10.66
CA THR D 143 18.37 -6.25 9.83
C THR D 143 19.55 -5.87 10.71
N VAL D 144 19.31 -5.12 11.78
CA VAL D 144 20.40 -4.68 12.67
C VAL D 144 21.13 -5.86 13.32
N ARG D 145 20.40 -6.88 13.75
CA ARG D 145 21.04 -8.03 14.33
C ARG D 145 22.07 -8.73 13.39
N ASP D 146 21.65 -9.21 12.21
CA ASP D 146 22.50 -9.95 11.24
C ASP D 146 23.86 -9.39 10.86
N ILE D 147 23.87 -8.08 10.89
CA ILE D 147 24.94 -7.18 10.51
C ILE D 147 25.90 -6.81 11.61
N VAL D 148 25.57 -7.18 12.84
CA VAL D 148 26.53 -7.00 13.92
C VAL D 148 26.83 -8.42 14.42
N ALA D 149 26.20 -9.40 13.80
CA ALA D 149 26.48 -10.80 14.16
C ALA D 149 28.01 -10.91 14.10
N GLY D 150 28.58 -11.55 15.11
CA GLY D 150 30.02 -11.68 15.18
C GLY D 150 30.58 -10.75 16.25
N SER D 151 29.71 -9.91 16.82
CA SER D 151 30.10 -8.97 17.88
C SER D 151 29.65 -9.53 19.23
N ARG D 152 29.99 -8.82 20.30
CA ARG D 152 29.59 -9.25 21.66
C ARG D 152 28.08 -9.14 21.96
N HIS D 153 27.34 -8.31 21.21
CA HIS D 153 25.91 -8.13 21.46
C HIS D 153 25.08 -9.36 21.12
N ARG D 154 24.09 -9.63 21.96
CA ARG D 154 23.20 -10.75 21.78
C ARG D 154 21.75 -10.21 21.81
N PHE D 155 20.85 -10.91 21.13
CA PHE D 155 19.46 -10.49 21.06
C PHE D 155 18.52 -11.67 21.16
N ALA D 156 17.26 -11.41 21.51
CA ALA D 156 16.23 -12.44 21.56
C ALA D 156 15.24 -12.04 20.48
N GLU D 157 14.73 -13.02 19.74
CA GLU D 157 13.83 -12.75 18.64
C GLU D 157 12.39 -12.74 19.06
N ARG D 158 11.71 -11.63 18.79
CA ARG D 158 10.31 -11.50 19.14
C ARG D 158 9.43 -12.25 18.17
N GLY D 159 9.73 -12.07 16.88
CA GLY D 159 8.94 -12.72 15.85
C GLY D 159 8.62 -11.71 14.78
N GLU D 160 7.56 -11.96 14.02
CA GLU D 160 7.18 -11.06 12.95
C GLU D 160 6.14 -10.05 13.41
N GLN D 161 6.52 -8.77 13.39
CA GLN D 161 5.62 -7.69 13.80
C GLN D 161 5.25 -6.81 12.60
N GLU D 162 4.44 -7.36 11.70
CA GLU D 162 4.00 -6.62 10.51
C GLU D 162 3.91 -5.12 10.77
N LEU D 163 4.63 -4.34 9.98
CA LEU D 163 4.65 -2.88 10.14
C LEU D 163 3.74 -2.11 9.19
N LYS D 164 3.11 -1.07 9.73
CA LYS D 164 2.19 -0.18 9.02
C LYS D 164 2.25 -0.22 7.51
N GLY D 165 1.59 -1.22 6.93
CA GLY D 165 1.60 -1.32 5.48
C GLY D 165 2.95 -1.27 4.75
N VAL D 166 4.08 -1.34 5.47
CA VAL D 166 5.43 -1.28 4.88
C VAL D 166 5.79 -2.54 4.09
N PRO D 167 6.41 -2.38 2.93
CA PRO D 167 6.78 -3.58 2.24
C PRO D 167 7.49 -4.65 3.04
N GLY D 168 6.70 -5.70 3.29
CA GLY D 168 7.10 -6.92 3.97
C GLY D 168 7.58 -7.17 5.38
N ARG D 169 8.16 -8.36 5.43
CA ARG D 169 8.83 -9.14 6.48
C ARG D 169 9.71 -8.48 7.52
N TRP D 170 9.14 -7.95 8.61
CA TRP D 170 10.02 -7.33 9.59
C TRP D 170 9.99 -8.04 10.90
N ARG D 171 10.88 -9.02 11.02
CA ARG D 171 10.93 -9.78 12.25
C ARG D 171 11.65 -8.86 13.26
N LEU D 172 11.26 -8.93 14.51
CA LEU D 172 11.93 -8.09 15.49
C LEU D 172 12.75 -8.78 16.57
N CYS D 173 13.80 -8.07 17.05
CA CYS D 173 14.72 -8.64 18.04
C CYS D 173 15.23 -7.68 19.14
N VAL D 174 15.07 -8.09 20.42
CA VAL D 174 15.48 -7.33 21.63
C VAL D 174 16.93 -7.56 22.09
N LEU D 175 17.59 -6.47 22.43
CA LEU D 175 18.95 -6.55 22.88
C LEU D 175 18.98 -7.04 24.32
N MET D 176 19.71 -8.12 24.57
CA MET D 176 19.82 -8.62 25.93
C MET D 176 20.95 -7.84 26.59
N ARG D 177 20.60 -6.87 27.43
CA ARG D 177 21.58 -6.03 28.16
C ARG D 177 22.18 -6.73 29.38
N ASP D 178 23.31 -6.17 29.84
CA ASP D 178 24.13 -6.55 31.02
C ASP D 178 25.58 -6.54 30.60
MN MN E . 0.66 -10.07 -12.65
PG APC F . 3.49 -6.76 -13.98
O1G APC F . 3.46 -5.39 -14.83
O2G APC F . 3.76 -6.51 -12.55
O3G APC F . 4.63 -7.67 -14.67
PB APC F . 1.56 -7.72 -15.77
O1B APC F . 2.64 -7.61 -16.96
O2B APC F . 0.13 -7.01 -15.94
O3B APC F . 2.09 -7.51 -14.25
PA APC F . -0.38 -9.75 -14.84
O1A APC F . -0.90 -8.57 -13.90
O2A APC F . -0.42 -11.27 -14.29
C3A APC F . 1.14 -9.48 -15.79
O5' APC F . -1.50 -9.78 -16.00
C5' APC F . -2.35 -10.93 -16.04
C4' APC F . -1.63 -12.17 -16.65
O4' APC F . -1.49 -13.39 -15.84
C3' APC F . -2.81 -12.38 -17.60
O3' APC F . -2.15 -12.62 -18.84
C2' APC F . -3.38 -13.70 -17.11
O2' APC F . -4.35 -14.21 -18.00
C1' APC F . -2.20 -14.45 -16.51
N9 APC F . -2.56 -15.65 -15.70
C8 APC F . -1.75 -16.15 -14.78
N7 APC F . -2.27 -17.30 -14.33
C5 APC F . -3.43 -17.53 -14.96
C6 APC F . -4.37 -18.53 -14.91
N6 APC F . -4.20 -19.59 -14.12
N1 APC F . -5.45 -18.42 -15.71
C2 APC F . -5.64 -17.41 -16.54
N3 APC F . -4.74 -16.44 -16.60
C4 APC F . -3.62 -16.46 -15.84
MN MN G . 5.94 9.06 24.92
PG APC H . 3.04 5.77 26.13
O1G APC H . 2.27 4.51 25.47
O2G APC H . 4.07 5.33 27.10
O3G APC H . 1.90 6.68 26.82
PB APC H . 2.70 7.07 23.68
O1B APC H . 1.11 7.03 23.91
O2B APC H . 3.30 6.50 22.31
O3B APC H . 3.65 6.64 24.92
PA APC H . 4.67 9.10 22.83
O1A APC H . 5.67 7.84 22.77
O2A APC H . 5.27 10.53 23.29
C3A APC H . 3.04 8.85 23.55
O5' APC H . 4.33 9.34 21.28
C5' APC H . 4.84 10.54 20.68
C4' APC H . 4.03 11.81 21.11
O4' APC H . 4.71 12.90 21.81
C3' APC H . 3.91 12.20 19.64
O3' APC H . 2.53 12.55 19.55
C2' APC H . 4.71 13.49 19.60
O2' APC H . 4.55 14.17 18.37
C1' APC H . 4.61 14.08 20.99
N9 APC H . 5.57 15.18 21.28
C8 APC H . 5.91 15.52 22.53
N7 APC H . 6.64 16.62 22.49
C5 APC H . 6.79 17.01 21.21
C6 APC H . 7.42 18.06 20.58
N6 APC H . 8.06 19.00 21.28
N1 APC H . 7.35 18.13 19.23
C2 APC H . 6.69 17.24 18.50
N3 APC H . 6.07 16.23 19.10
C4 APC H . 6.10 16.08 20.44
#